data_5Z83
#
_entry.id   5Z83
#
_cell.length_a   77.140
_cell.length_b   88.012
_cell.length_c   116.140
_cell.angle_alpha   90.000
_cell.angle_beta   90.000
_cell.angle_gamma   90.000
#
_symmetry.space_group_name_H-M   'P 21 21 21'
#
loop_
_entity.id
_entity.type
_entity.pdbx_description
1 polymer "C-6' aminotransferase"
2 non-polymer "PYRIDOXAL-5'-PHOSPHATE"
3 non-polymer 'MAGNESIUM ION'
4 water water
#
_entity_poly.entity_id   1
_entity_poly.type   'polypeptide(L)'
_entity_poly.pdbx_seq_one_letter_code
;MGSSHHHHHHSSGLVPRGSHMTIDIGAGKLLAQEPTCPRDADGRPRVFVEGSGAYLTDPDGRRWIDFDNARGSVVLGHGD
EEVAEAIARAARGRSGVGTAWSPVLDSLLGQLQEVCGGDVVGLYRTGTAALRSVTCAVRDARDRSIVLSSGYHGYDPMWH
CDEPFTPNQHGIVEFLFDLDVLAEWLSRPEQVAAVVISPDHMHLGERWYTEFTRLTKEADVPVIADEVKVGLRYRAGLST
PLLDPAVWIVAKCLANGSPVAAVGGDAHLLAALEDVSFTSYFEPTAMAAATTTLRRMATGEPQQAIRAAGDRFIAHTRAA
FANAGVPIDLAGNGNLFQFVCADDEVADAFHAAAAAEGLLFFEGDNQTPSAAFTDEVVEDACGRIDRVSAALTGRFTDRE
LTEESWYASAWGAMDGLADRPRTREETTAIVERLWED
;
_entity_poly.pdbx_strand_id   A,B
#
# COMPACT_ATOMS: atom_id res chain seq x y z
N LYS A 29 -9.56 -18.42 11.52
CA LYS A 29 -8.43 -19.19 12.05
C LYS A 29 -7.23 -18.99 11.11
N LEU A 30 -7.53 -18.82 9.83
CA LEU A 30 -6.50 -18.68 8.83
C LEU A 30 -5.84 -17.32 8.76
N LEU A 31 -6.48 -16.30 9.34
CA LEU A 31 -5.95 -14.94 9.17
C LEU A 31 -4.96 -14.59 10.27
N ALA A 32 -3.73 -14.24 9.89
CA ALA A 32 -2.72 -13.82 10.86
C ALA A 32 -2.95 -12.40 11.34
N GLN A 33 -3.68 -11.60 10.60
CA GLN A 33 -3.88 -10.20 10.96
C GLN A 33 -5.16 -10.01 11.74
N GLU A 34 -5.29 -8.86 12.40
CA GLU A 34 -6.49 -8.54 13.16
C GLU A 34 -7.04 -7.21 12.63
N PRO A 35 -7.73 -7.22 11.50
CA PRO A 35 -8.17 -5.96 10.91
C PRO A 35 -9.26 -5.32 11.76
N THR A 36 -9.20 -4.00 11.84
CA THR A 36 -10.26 -3.25 12.51
C THR A 36 -11.53 -3.32 11.68
N CYS A 37 -12.65 -3.67 12.33
CA CYS A 37 -13.91 -3.79 11.61
C CYS A 37 -15.05 -3.85 12.63
N PRO A 38 -16.29 -3.66 12.18
CA PRO A 38 -17.43 -3.80 13.10
C PRO A 38 -17.50 -5.22 13.63
N ARG A 39 -17.70 -5.34 14.94
CA ARG A 39 -17.76 -6.65 15.58
C ARG A 39 -19.00 -6.71 16.46
N ASP A 40 -19.53 -7.93 16.62
CA ASP A 40 -20.67 -8.09 17.52
C ASP A 40 -20.15 -8.09 18.96
N ALA A 41 -21.08 -8.26 19.92
CA ALA A 41 -20.66 -8.21 21.32
C ALA A 41 -19.73 -9.36 21.70
N ASP A 42 -19.70 -10.43 20.92
CA ASP A 42 -18.78 -11.55 21.12
C ASP A 42 -17.43 -11.32 20.46
N GLY A 43 -17.25 -10.18 19.79
CA GLY A 43 -16.01 -9.87 19.11
C GLY A 43 -15.90 -10.45 17.72
N ARG A 44 -16.97 -11.08 17.20
CA ARG A 44 -16.95 -11.68 15.86
C ARG A 44 -17.18 -10.58 14.81
N PRO A 45 -16.39 -10.52 13.74
CA PRO A 45 -16.67 -9.51 12.71
C PRO A 45 -18.10 -9.62 12.22
N ARG A 46 -18.77 -8.48 12.11
CA ARG A 46 -20.08 -8.42 11.47
C ARG A 46 -19.92 -8.55 9.97
N VAL A 47 -20.73 -9.41 9.36
CA VAL A 47 -20.63 -9.62 7.92
C VAL A 47 -21.69 -8.76 7.24
N PHE A 48 -21.28 -8.05 6.18
CA PHE A 48 -22.22 -7.37 5.31
C PHE A 48 -21.95 -7.81 3.88
N VAL A 49 -23.02 -8.16 3.18
CA VAL A 49 -22.91 -8.79 1.88
C VAL A 49 -22.97 -7.76 0.76
N GLU A 50 -23.65 -6.64 0.97
CA GLU A 50 -23.71 -5.62 -0.05
C GLU A 50 -23.92 -4.26 0.60
N GLY A 51 -23.70 -3.22 -0.17
CA GLY A 51 -23.93 -1.87 0.28
C GLY A 51 -24.28 -0.98 -0.88
N SER A 52 -25.03 0.06 -0.58
CA SER A 52 -25.35 1.03 -1.61
C SER A 52 -25.66 2.36 -0.94
N GLY A 53 -24.92 3.40 -1.29
CA GLY A 53 -25.16 4.70 -0.70
C GLY A 53 -24.83 4.67 0.78
N ALA A 54 -25.84 4.89 1.62
CA ALA A 54 -25.67 4.87 3.07
C ALA A 54 -26.11 3.56 3.72
N TYR A 55 -26.62 2.59 2.97
CA TYR A 55 -27.20 1.38 3.57
C TYR A 55 -26.36 0.15 3.29
N LEU A 56 -26.16 -0.67 4.32
CA LEU A 56 -25.54 -1.98 4.21
C LEU A 56 -26.58 -3.06 4.42
N THR A 57 -26.41 -4.20 3.77
CA THR A 57 -27.32 -5.32 3.97
C THR A 57 -26.58 -6.50 4.58
N ASP A 58 -27.12 -7.03 5.67
CA ASP A 58 -26.47 -8.15 6.35
C ASP A 58 -26.98 -9.48 5.77
N PRO A 59 -26.39 -10.61 6.17
CA PRO A 59 -26.81 -11.90 5.60
C PRO A 59 -28.29 -12.22 5.73
N ASP A 60 -29.01 -11.64 6.68
CA ASP A 60 -30.44 -11.88 6.82
C ASP A 60 -31.28 -10.90 6.02
N GLY A 61 -30.68 -9.97 5.29
CA GLY A 61 -31.45 -9.00 4.53
C GLY A 61 -31.79 -7.73 5.27
N ARG A 62 -31.38 -7.61 6.53
CA ARG A 62 -31.64 -6.40 7.29
C ARG A 62 -30.71 -5.26 6.82
N ARG A 63 -31.28 -4.06 6.72
CA ARG A 63 -30.56 -2.87 6.22
C ARG A 63 -30.12 -1.99 7.37
N TRP A 64 -28.86 -1.62 7.35
CA TRP A 64 -28.22 -0.80 8.37
C TRP A 64 -27.77 0.51 7.73
N ILE A 65 -27.71 1.58 8.53
CA ILE A 65 -27.20 2.87 8.06
C ILE A 65 -25.73 2.94 8.49
N ASP A 66 -24.83 3.14 7.52
CA ASP A 66 -23.39 3.12 7.78
C ASP A 66 -22.92 4.53 8.17
N PHE A 67 -22.37 4.67 9.38
CA PHE A 67 -21.63 5.87 9.79
C PHE A 67 -20.13 5.62 9.87
N ASP A 68 -19.71 4.36 9.71
CA ASP A 68 -18.29 3.96 9.73
C ASP A 68 -17.67 4.23 8.36
N ASN A 69 -18.30 3.71 7.29
CA ASN A 69 -17.91 4.07 5.91
C ASN A 69 -16.44 3.79 5.63
N ALA A 70 -16.03 2.54 5.90
CA ALA A 70 -14.62 2.10 5.79
C ALA A 70 -13.70 3.08 6.53
N ARG A 71 -14.03 3.30 7.82
CA ARG A 71 -13.26 4.18 8.70
C ARG A 71 -13.16 5.59 8.13
N GLY A 72 -14.18 6.05 7.43
CA GLY A 72 -14.19 7.38 6.87
C GLY A 72 -13.59 7.53 5.49
N SER A 73 -13.31 6.41 4.79
CA SER A 73 -12.77 6.53 3.44
C SER A 73 -13.86 6.49 2.36
N VAL A 74 -15.07 6.06 2.69
CA VAL A 74 -16.18 6.13 1.73
C VAL A 74 -16.89 7.45 2.04
N VAL A 75 -16.52 8.49 1.31
CA VAL A 75 -17.08 9.83 1.53
C VAL A 75 -18.15 10.20 0.50
N LEU A 76 -18.18 9.51 -0.67
CA LEU A 76 -19.26 9.74 -1.62
C LEU A 76 -20.41 8.77 -1.44
N GLY A 77 -20.15 7.59 -0.89
CA GLY A 77 -21.21 6.61 -0.72
C GLY A 77 -20.79 5.31 -1.36
N HIS A 78 -21.26 4.21 -0.78
CA HIS A 78 -20.95 2.90 -1.32
C HIS A 78 -21.57 2.75 -2.70
N GLY A 79 -20.78 2.29 -3.65
CA GLY A 79 -21.28 2.06 -5.01
C GLY A 79 -21.60 3.33 -5.76
N ASP A 80 -21.06 4.47 -5.35
CA ASP A 80 -21.26 5.71 -6.10
C ASP A 80 -21.16 5.49 -7.61
N GLU A 81 -22.18 5.95 -8.34
CA GLU A 81 -22.32 5.55 -9.74
C GLU A 81 -21.24 6.15 -10.62
N GLU A 82 -20.90 7.42 -10.42
CA GLU A 82 -19.89 8.05 -11.25
C GLU A 82 -18.54 7.39 -11.06
N VAL A 83 -18.15 7.11 -9.81
CA VAL A 83 -16.91 6.38 -9.56
C VAL A 83 -17.00 4.97 -10.12
N ALA A 84 -18.17 4.33 -9.97
CA ALA A 84 -18.30 2.94 -10.41
C ALA A 84 -18.12 2.83 -11.92
N GLU A 85 -18.73 3.76 -12.67
CA GLU A 85 -18.60 3.73 -14.13
C GLU A 85 -17.15 3.99 -14.57
N ALA A 86 -16.46 4.91 -13.88
CA ALA A 86 -15.06 5.17 -14.19
C ALA A 86 -14.21 3.96 -13.86
N ILE A 87 -14.48 3.30 -12.73
CA ILE A 87 -13.71 2.11 -12.37
C ILE A 87 -13.94 1.00 -13.40
N ALA A 88 -15.20 0.84 -13.85
CA ALA A 88 -15.46 -0.24 -14.80
C ALA A 88 -14.73 0.01 -16.12
N ARG A 89 -14.75 1.27 -16.61
CA ARG A 89 -14.03 1.55 -17.83
C ARG A 89 -12.53 1.33 -17.65
N ALA A 90 -12.01 1.74 -16.49
CA ALA A 90 -10.59 1.51 -16.22
C ALA A 90 -10.25 0.01 -16.17
N ALA A 91 -11.14 -0.79 -15.58
CA ALA A 91 -10.93 -2.24 -15.52
C ALA A 91 -10.94 -2.87 -16.90
N ARG A 92 -11.52 -2.19 -17.89
CA ARG A 92 -11.54 -2.65 -19.27
C ARG A 92 -10.44 -2.03 -20.11
N GLY A 93 -9.48 -1.37 -19.49
CA GLY A 93 -8.31 -0.85 -20.18
C GLY A 93 -8.54 0.45 -20.93
N ARG A 94 -9.73 1.05 -20.77
CA ARG A 94 -10.09 2.22 -21.58
C ARG A 94 -9.42 3.51 -21.14
N SER A 95 -8.90 3.56 -19.91
CA SER A 95 -8.36 4.78 -19.36
C SER A 95 -6.90 4.58 -18.91
N GLY A 96 -6.13 3.82 -19.69
CA GLY A 96 -4.71 3.62 -19.42
C GLY A 96 -4.42 2.20 -18.96
N VAL A 97 -3.13 1.91 -18.79
CA VAL A 97 -2.71 0.57 -18.35
C VAL A 97 -1.71 0.73 -17.22
N GLY A 98 -1.64 -0.31 -16.38
CA GLY A 98 -0.68 -0.29 -15.28
C GLY A 98 0.75 -0.22 -15.73
N THR A 99 1.02 -0.54 -16.99
CA THR A 99 2.39 -0.47 -17.48
C THR A 99 2.96 0.94 -17.51
N ALA A 100 2.13 1.97 -17.73
CA ALA A 100 2.72 3.24 -18.12
C ALA A 100 1.93 4.43 -17.61
N TRP A 101 2.62 5.56 -17.60
CA TRP A 101 2.00 6.86 -17.39
C TRP A 101 0.74 6.99 -18.23
N SER A 102 -0.31 7.54 -17.64
CA SER A 102 -1.58 7.56 -18.32
C SER A 102 -2.01 8.99 -18.53
N PRO A 103 -2.96 9.25 -19.44
CA PRO A 103 -3.29 10.64 -19.73
C PRO A 103 -3.85 11.39 -18.54
N VAL A 104 -4.44 10.70 -17.54
CA VAL A 104 -5.07 11.39 -16.40
C VAL A 104 -4.15 11.67 -15.22
N LEU A 105 -2.96 11.05 -15.15
CA LEU A 105 -2.12 11.24 -13.97
C LEU A 105 -1.69 12.69 -13.77
N ASP A 106 -1.29 13.38 -14.85
CA ASP A 106 -0.87 14.77 -14.64
C ASP A 106 -1.99 15.57 -13.96
N SER A 107 -3.25 15.32 -14.35
CA SER A 107 -4.35 16.11 -13.79
C SER A 107 -4.56 15.79 -12.32
N LEU A 108 -4.31 14.54 -11.92
CA LEU A 108 -4.39 14.18 -10.50
C LEU A 108 -3.32 14.92 -9.72
N LEU A 109 -2.07 14.85 -10.17
CA LEU A 109 -0.99 15.51 -9.45
C LEU A 109 -1.23 17.01 -9.39
N GLY A 110 -1.66 17.60 -10.52
CA GLY A 110 -1.86 19.04 -10.55
C GLY A 110 -2.95 19.48 -9.61
N GLN A 111 -4.03 18.70 -9.56
CA GLN A 111 -5.14 19.08 -8.68
C GLN A 111 -4.75 18.90 -7.21
N LEU A 112 -4.00 17.83 -6.87
CA LEU A 112 -3.54 17.68 -5.49
C LEU A 112 -2.76 18.91 -5.04
N GLN A 113 -1.86 19.41 -5.90
CA GLN A 113 -1.08 20.60 -5.54
C GLN A 113 -1.95 21.84 -5.46
N GLU A 114 -2.90 21.99 -6.36
CA GLU A 114 -3.79 23.16 -6.31
C GLU A 114 -4.60 23.18 -5.04
N VAL A 115 -5.10 22.02 -4.60
CA VAL A 115 -6.02 21.98 -3.46
C VAL A 115 -5.27 22.03 -2.13
N CYS A 116 -4.14 21.32 -2.04
CA CYS A 116 -3.45 21.16 -0.76
C CYS A 116 -2.18 21.98 -0.64
N GLY A 117 -1.65 22.50 -1.74
CA GLY A 117 -0.40 23.23 -1.72
C GLY A 117 0.81 22.31 -1.80
N GLY A 118 1.99 22.94 -1.76
CA GLY A 118 3.25 22.21 -1.75
C GLY A 118 4.03 22.39 -3.04
N ASP A 119 5.35 22.19 -2.93
CA ASP A 119 6.23 22.18 -4.10
C ASP A 119 6.02 20.94 -4.98
N VAL A 120 5.98 19.76 -4.35
CA VAL A 120 5.96 18.50 -5.07
C VAL A 120 4.93 17.60 -4.40
N VAL A 121 4.55 16.53 -5.12
CA VAL A 121 3.53 15.60 -4.65
C VAL A 121 4.01 14.15 -4.85
N GLY A 122 3.39 13.24 -4.10
CA GLY A 122 3.72 11.83 -4.22
C GLY A 122 2.46 11.03 -3.95
N LEU A 123 2.45 9.77 -4.42
CA LEU A 123 1.32 8.87 -4.22
C LEU A 123 1.75 7.57 -3.54
N TYR A 124 0.83 6.99 -2.77
CA TYR A 124 1.06 5.76 -2.00
C TYR A 124 -0.22 4.92 -2.02
N ARG A 125 -0.10 3.68 -1.57
CA ARG A 125 -1.26 2.80 -1.54
C ARG A 125 -1.99 2.72 -0.19
N THR A 126 -1.37 3.18 0.91
CA THR A 126 -2.03 3.28 2.21
C THR A 126 -1.55 4.54 2.92
N GLY A 127 -2.33 4.98 3.91
CA GLY A 127 -1.85 6.03 4.80
C GLY A 127 -0.60 5.61 5.55
N THR A 128 -0.56 4.35 6.00
CA THR A 128 0.60 3.84 6.72
C THR A 128 1.89 3.99 5.91
N ALA A 129 1.83 3.62 4.64
CA ALA A 129 3.01 3.71 3.76
C ALA A 129 3.41 5.16 3.54
N ALA A 130 2.42 6.03 3.32
CA ALA A 130 2.73 7.44 3.11
C ALA A 130 3.40 8.04 4.34
N LEU A 131 2.83 7.77 5.52
CA LEU A 131 3.37 8.30 6.75
C LEU A 131 4.79 7.83 7.02
N ARG A 132 5.06 6.55 6.81
CA ARG A 132 6.41 6.07 7.05
C ARG A 132 7.37 6.72 6.07
N SER A 133 6.98 6.76 4.79
CA SER A 133 7.88 7.25 3.75
C SER A 133 8.25 8.72 3.96
N VAL A 134 7.25 9.57 4.21
CA VAL A 134 7.55 11.00 4.41
C VAL A 134 8.31 11.23 5.70
N THR A 135 7.96 10.51 6.78
CA THR A 135 8.68 10.73 8.06
C THR A 135 10.15 10.36 7.91
N CYS A 136 10.46 9.22 7.28
CA CYS A 136 11.85 8.87 7.02
C CYS A 136 12.51 9.91 6.11
N ALA A 137 11.80 10.38 5.08
CA ALA A 137 12.40 11.34 4.15
C ALA A 137 12.72 12.67 4.85
N VAL A 138 11.78 13.16 5.69
CA VAL A 138 11.98 14.42 6.38
C VAL A 138 13.14 14.30 7.35
N ARG A 139 13.17 13.19 8.08
CA ARG A 139 14.26 12.96 9.03
C ARG A 139 15.60 12.90 8.31
N ASP A 140 15.66 12.23 7.17
CA ASP A 140 16.90 12.15 6.42
C ASP A 140 17.33 13.53 5.92
N ALA A 141 16.41 14.33 5.39
CA ALA A 141 16.77 15.64 4.88
C ALA A 141 17.26 16.53 6.00
N ARG A 142 16.67 16.39 7.20
CA ARG A 142 16.97 17.23 8.35
C ARG A 142 18.21 16.78 9.10
N ASP A 143 18.65 15.55 8.88
CA ASP A 143 19.83 15.01 9.58
C ASP A 143 19.72 15.22 11.08
N ARG A 144 18.54 14.98 11.62
CA ARG A 144 18.24 15.04 13.04
C ARG A 144 17.42 13.81 13.37
N SER A 145 17.49 13.34 14.62
CA SER A 145 17.01 12.00 14.93
C SER A 145 15.64 11.95 15.61
N ILE A 146 15.21 13.01 16.25
CA ILE A 146 14.00 12.99 17.06
C ILE A 146 12.80 13.49 16.26
N VAL A 147 11.69 12.76 16.32
CA VAL A 147 10.42 13.18 15.76
C VAL A 147 9.41 13.25 16.88
N LEU A 148 8.77 14.40 17.04
CA LEU A 148 7.69 14.55 18.01
C LEU A 148 6.39 14.23 17.30
N SER A 149 5.59 13.36 17.91
CA SER A 149 4.37 12.84 17.28
C SER A 149 3.15 12.88 18.19
N SER A 150 1.99 13.23 17.62
CA SER A 150 0.72 12.98 18.26
C SER A 150 -0.22 12.44 17.20
N GLY A 151 -1.11 11.56 17.62
CA GLY A 151 -2.12 11.00 16.73
C GLY A 151 -1.65 9.69 16.10
N TYR A 152 -2.63 8.99 15.54
CA TYR A 152 -2.36 7.72 14.88
C TYR A 152 -1.78 7.98 13.50
N HIS A 153 -0.74 7.21 13.15
CA HIS A 153 -0.08 7.40 11.86
C HIS A 153 -0.01 6.14 11.05
N GLY A 154 -0.72 5.09 11.45
CA GLY A 154 -0.69 3.82 10.72
C GLY A 154 -0.10 2.69 11.53
N TYR A 155 -0.05 1.52 10.89
CA TYR A 155 0.24 0.30 11.63
C TYR A 155 1.73 -0.02 11.73
N ASP A 156 2.59 0.72 11.05
CA ASP A 156 4.00 0.34 10.99
C ASP A 156 4.63 0.33 12.40
N PRO A 157 5.49 -0.64 12.70
CA PRO A 157 6.08 -0.70 14.05
C PRO A 157 6.94 0.50 14.43
N MET A 158 7.31 1.38 13.51
CA MET A 158 8.15 2.53 13.90
C MET A 158 7.42 3.42 14.90
N TRP A 159 6.09 3.36 14.95
CA TRP A 159 5.31 4.23 15.83
C TRP A 159 5.04 3.61 17.19
N HIS A 160 5.34 2.32 17.38
CA HIS A 160 5.04 1.63 18.64
C HIS A 160 5.85 2.24 19.77
N CYS A 161 5.22 2.44 20.92
CA CYS A 161 6.02 2.86 22.07
C CYS A 161 5.44 2.33 23.37
N ASP A 162 6.35 2.12 24.32
CA ASP A 162 5.95 1.61 25.63
C ASP A 162 5.43 2.70 26.56
N GLU A 163 5.84 3.96 26.35
CA GLU A 163 5.49 5.03 27.30
C GLU A 163 5.44 6.32 26.49
N PRO A 164 4.59 7.27 26.87
CA PRO A 164 4.62 8.59 26.24
C PRO A 164 5.77 9.46 26.76
N PHE A 165 6.06 10.52 25.99
CA PHE A 165 6.91 11.63 26.39
C PHE A 165 8.40 11.26 26.39
N THR A 166 8.76 10.08 25.92
CA THR A 166 10.16 9.64 25.85
C THR A 166 10.37 8.97 24.51
N PRO A 167 11.60 9.00 23.95
CA PRO A 167 11.80 8.44 22.60
C PRO A 167 11.66 6.92 22.57
N ASN A 168 10.96 6.43 21.54
CA ASN A 168 10.99 5.00 21.34
C ASN A 168 12.29 4.64 20.64
N GLN A 169 12.44 3.35 20.29
CA GLN A 169 13.73 2.95 19.70
C GLN A 169 13.93 3.51 18.30
N HIS A 170 12.91 4.11 17.70
CA HIS A 170 12.99 4.77 16.41
C HIS A 170 13.13 6.28 16.54
N GLY A 171 13.33 6.79 17.75
CA GLY A 171 13.46 8.22 17.93
C GLY A 171 12.15 9.00 17.95
N ILE A 172 11.00 8.32 17.97
CA ILE A 172 9.70 8.99 17.99
C ILE A 172 9.29 9.27 19.43
N VAL A 173 8.90 10.51 19.73
CA VAL A 173 8.37 10.89 21.04
C VAL A 173 6.88 11.19 20.90
N GLU A 174 6.05 10.36 21.52
CA GLU A 174 4.62 10.59 21.57
C GLU A 174 4.33 11.69 22.60
N PHE A 175 3.60 12.74 22.21
CA PHE A 175 3.30 13.80 23.20
C PHE A 175 1.81 14.03 23.44
N LEU A 176 0.93 13.17 22.91
CA LEU A 176 -0.49 13.12 23.28
C LEU A 176 -1.18 14.48 23.16
N PHE A 177 -0.74 15.29 22.20
CA PHE A 177 -1.26 16.64 21.95
C PHE A 177 -1.10 17.54 23.16
N ASP A 178 -0.17 17.22 24.05
CA ASP A 178 0.08 18.08 25.19
C ASP A 178 1.13 19.13 24.83
N LEU A 179 0.75 20.41 24.89
CA LEU A 179 1.65 21.45 24.44
C LEU A 179 2.75 21.78 25.45
N ASP A 180 2.55 21.49 26.74
CA ASP A 180 3.64 21.65 27.70
C ASP A 180 4.79 20.71 27.36
N VAL A 181 4.49 19.43 27.09
CA VAL A 181 5.54 18.48 26.72
C VAL A 181 6.15 18.87 25.38
N LEU A 182 5.32 19.28 24.41
CA LEU A 182 5.87 19.71 23.14
C LEU A 182 6.83 20.87 23.34
N ALA A 183 6.43 21.87 24.14
CA ALA A 183 7.28 23.03 24.32
C ALA A 183 8.61 22.65 24.93
N GLU A 184 8.61 21.73 25.90
CA GLU A 184 9.87 21.28 26.50
C GLU A 184 10.76 20.60 25.49
N TRP A 185 10.21 19.70 24.66
CA TRP A 185 11.06 19.08 23.66
C TRP A 185 11.54 20.09 22.63
N LEU A 186 10.72 21.09 22.30
CA LEU A 186 11.16 22.06 21.30
C LEU A 186 12.13 23.08 21.87
N SER A 187 12.32 23.08 23.19
CA SER A 187 13.32 23.96 23.81
C SER A 187 14.74 23.50 23.50
N ARG A 188 14.90 22.39 22.80
CA ARG A 188 16.21 21.95 22.33
C ARG A 188 15.85 21.68 20.88
N PRO A 189 15.63 22.75 20.12
CA PRO A 189 15.08 22.55 18.76
C PRO A 189 16.04 21.91 17.78
N GLU A 190 17.37 22.02 17.99
CA GLU A 190 18.26 21.49 16.96
C GLU A 190 18.26 19.96 16.87
N GLN A 191 17.76 19.23 17.86
CA GLN A 191 17.76 17.78 17.73
C GLN A 191 16.41 17.25 17.28
N VAL A 192 15.52 18.14 16.82
CA VAL A 192 14.18 17.71 16.46
C VAL A 192 14.05 17.82 14.95
N ALA A 193 13.88 16.66 14.30
CA ALA A 193 13.73 16.66 12.85
C ALA A 193 12.38 17.25 12.44
N ALA A 194 11.31 16.89 13.14
CA ALA A 194 9.98 17.29 12.68
C ALA A 194 9.00 17.05 13.81
N VAL A 195 7.82 17.66 13.66
CA VAL A 195 6.67 17.37 14.50
C VAL A 195 5.56 16.90 13.59
N VAL A 196 5.04 15.70 13.85
CA VAL A 196 3.97 15.13 13.03
C VAL A 196 2.71 14.98 13.90
N ILE A 197 1.59 15.53 13.42
CA ILE A 197 0.36 15.40 14.18
C ILE A 197 -0.75 14.98 13.24
N SER A 198 -1.69 14.22 13.78
CA SER A 198 -2.94 13.96 13.09
C SER A 198 -3.97 14.94 13.64
N PRO A 199 -4.31 16.02 12.92
CA PRO A 199 -5.11 17.09 13.53
C PRO A 199 -6.51 16.59 13.89
N ASP A 200 -6.95 16.89 15.10
CA ASP A 200 -8.30 16.64 15.55
C ASP A 200 -9.03 17.96 15.73
N HIS A 201 -10.32 18.00 15.39
CA HIS A 201 -11.11 19.22 15.50
C HIS A 201 -12.33 19.06 16.38
N MET A 202 -12.49 17.90 17.02
CA MET A 202 -13.57 17.71 17.98
C MET A 202 -13.17 18.25 19.34
N HIS A 203 -11.89 18.14 19.66
CA HIS A 203 -11.44 18.44 21.02
C HIS A 203 -10.25 19.39 21.06
N LEU A 204 -9.74 19.82 19.90
CA LEU A 204 -8.67 20.80 19.79
C LEU A 204 -9.24 21.93 18.98
N GLY A 205 -9.13 23.14 19.54
CA GLY A 205 -9.71 24.33 18.96
C GLY A 205 -8.67 25.33 18.49
N GLU A 206 -9.17 26.54 18.21
CA GLU A 206 -8.31 27.60 17.69
C GLU A 206 -7.15 27.91 18.63
N ARG A 207 -7.39 27.88 19.95
CA ARG A 207 -6.32 28.18 20.89
C ARG A 207 -5.19 27.16 20.78
N TRP A 208 -5.55 25.88 20.68
CA TRP A 208 -4.53 24.83 20.59
C TRP A 208 -3.71 24.98 19.31
N TYR A 209 -4.38 25.14 18.17
CA TYR A 209 -3.64 25.24 16.90
C TYR A 209 -2.80 26.51 16.85
N THR A 210 -3.30 27.62 17.39
CA THR A 210 -2.51 28.85 17.39
C THR A 210 -1.22 28.66 18.19
N GLU A 211 -1.33 28.05 19.37
CA GLU A 211 -0.14 27.84 20.19
C GLU A 211 0.77 26.76 19.58
N PHE A 212 0.18 25.73 18.99
CA PHE A 212 1.00 24.70 18.36
C PHE A 212 1.87 25.30 17.26
N THR A 213 1.26 26.09 16.38
CA THR A 213 2.02 26.68 15.30
C THR A 213 3.00 27.72 15.84
N ARG A 214 2.62 28.45 16.89
CA ARG A 214 3.57 29.41 17.46
C ARG A 214 4.85 28.73 17.94
N LEU A 215 4.70 27.62 18.68
CA LEU A 215 5.84 26.87 19.21
C LEU A 215 6.72 26.30 18.09
N THR A 216 6.10 25.71 17.06
CA THR A 216 6.90 25.08 16.02
C THR A 216 7.58 26.11 15.13
N LYS A 217 6.93 27.26 14.89
CA LYS A 217 7.61 28.31 14.16
C LYS A 217 8.79 28.85 14.97
N GLU A 218 8.59 29.02 16.28
CA GLU A 218 9.65 29.55 17.14
C GLU A 218 10.86 28.65 17.11
N ALA A 219 10.62 27.32 17.13
CA ALA A 219 11.68 26.32 17.06
C ALA A 219 12.25 26.16 15.66
N ASP A 220 11.57 26.70 14.64
CA ASP A 220 11.96 26.52 13.22
C ASP A 220 12.05 25.03 12.87
N VAL A 221 11.00 24.29 13.24
CA VAL A 221 10.95 22.84 13.09
C VAL A 221 9.78 22.55 12.14
N PRO A 222 9.99 21.80 11.07
CA PRO A 222 8.90 21.58 10.10
C PRO A 222 7.82 20.69 10.70
N VAL A 223 6.59 20.95 10.27
CA VAL A 223 5.40 20.26 10.74
C VAL A 223 4.95 19.33 9.62
N ILE A 224 4.70 18.08 9.96
CA ILE A 224 4.08 17.13 9.05
C ILE A 224 2.64 17.02 9.49
N ALA A 225 1.70 17.42 8.63
CA ALA A 225 0.29 17.31 8.98
C ALA A 225 -0.24 16.01 8.41
N ASP A 226 -0.46 15.03 9.29
CA ASP A 226 -1.07 13.76 8.90
C ASP A 226 -2.56 14.02 8.77
N GLU A 227 -2.98 14.39 7.55
CA GLU A 227 -4.39 14.65 7.29
C GLU A 227 -5.04 13.49 6.55
N VAL A 228 -4.53 12.28 6.80
CA VAL A 228 -5.13 11.09 6.18
C VAL A 228 -6.63 11.05 6.45
N LYS A 229 -7.04 11.48 7.63
CA LYS A 229 -8.46 11.46 7.96
C LYS A 229 -9.19 12.78 7.79
N VAL A 230 -8.51 13.91 8.00
CA VAL A 230 -9.22 15.20 7.97
C VAL A 230 -8.91 16.02 6.73
N GLY A 231 -7.98 15.59 5.88
CA GLY A 231 -7.70 16.35 4.68
C GLY A 231 -8.81 16.16 3.67
N LEU A 232 -9.38 17.27 3.18
CA LEU A 232 -10.54 17.32 2.30
C LEU A 232 -11.83 16.94 3.04
N ARG A 233 -11.78 16.71 4.36
CA ARG A 233 -12.96 16.25 5.10
C ARG A 233 -13.98 17.36 5.31
N TYR A 234 -13.50 18.57 5.58
CA TYR A 234 -14.38 19.65 6.01
C TYR A 234 -14.64 20.67 4.93
N ARG A 235 -13.81 20.64 3.88
CA ARG A 235 -13.76 21.65 2.83
C ARG A 235 -12.83 21.14 1.73
N ALA A 236 -12.76 21.87 0.62
CA ALA A 236 -11.84 21.51 -0.47
C ALA A 236 -10.44 22.00 -0.12
N GLY A 237 -9.84 21.37 0.89
CA GLY A 237 -8.51 21.76 1.33
C GLY A 237 -8.16 21.05 2.62
N LEU A 238 -6.99 21.43 3.17
CA LEU A 238 -6.59 20.84 4.45
C LEU A 238 -7.47 21.39 5.58
N SER A 239 -7.33 20.80 6.77
CA SER A 239 -8.36 20.96 7.77
C SER A 239 -8.33 22.31 8.48
N THR A 240 -7.18 22.97 8.56
CA THR A 240 -7.20 24.29 9.26
C THR A 240 -6.15 25.22 8.72
N PRO A 241 -6.48 26.49 8.45
CA PRO A 241 -5.46 27.44 8.02
C PRO A 241 -4.53 27.83 9.16
N LEU A 242 -4.81 27.41 10.40
CA LEU A 242 -3.91 27.74 11.51
C LEU A 242 -2.66 26.86 11.55
N LEU A 243 -2.62 25.79 10.76
CA LEU A 243 -1.42 25.00 10.56
C LEU A 243 -0.69 25.47 9.32
N ASP A 244 0.64 25.44 9.37
CA ASP A 244 1.46 25.73 8.21
C ASP A 244 2.35 24.51 7.95
N PRO A 245 1.80 23.46 7.36
CA PRO A 245 2.58 22.22 7.25
C PRO A 245 3.66 22.32 6.20
N ALA A 246 4.83 21.79 6.54
CA ALA A 246 5.88 21.63 5.55
C ALA A 246 5.61 20.43 4.66
N VAL A 247 4.90 19.41 5.17
CA VAL A 247 4.51 18.24 4.40
C VAL A 247 3.09 17.90 4.85
N TRP A 248 2.24 17.50 3.91
CA TRP A 248 0.90 17.02 4.24
C TRP A 248 0.71 15.64 3.64
N ILE A 249 -0.26 14.92 4.21
CA ILE A 249 -0.69 13.63 3.68
C ILE A 249 -2.21 13.61 3.72
N VAL A 250 -2.85 13.20 2.63
CA VAL A 250 -4.30 12.96 2.67
C VAL A 250 -4.54 11.56 2.11
N ALA A 251 -5.70 10.99 2.43
CA ALA A 251 -5.99 9.66 1.85
C ALA A 251 -7.47 9.25 1.94
N LYS A 252 -8.04 9.27 3.15
CA LYS A 252 -9.38 8.69 3.30
C LYS A 252 -10.40 9.47 2.45
N CYS A 253 -10.24 10.78 2.31
CA CYS A 253 -11.22 11.51 1.51
C CYS A 253 -10.91 11.51 0.00
N LEU A 254 -9.87 10.80 -0.44
CA LEU A 254 -9.32 10.99 -1.78
C LEU A 254 -9.95 10.08 -2.85
N ALA A 255 -10.44 8.87 -2.49
CA ALA A 255 -10.72 7.90 -3.55
C ALA A 255 -11.94 7.01 -3.27
N ASN A 256 -12.85 7.46 -2.40
CA ASN A 256 -14.06 6.73 -2.04
C ASN A 256 -13.75 5.29 -1.66
N GLY A 257 -12.64 5.10 -0.96
CA GLY A 257 -12.31 3.82 -0.38
C GLY A 257 -11.26 3.05 -1.15
N SER A 258 -11.04 3.37 -2.41
CA SER A 258 -9.98 2.70 -3.17
C SER A 258 -8.63 3.06 -2.57
N PRO A 259 -7.65 2.23 -2.73
CA PRO A 259 -6.41 2.40 -1.92
C PRO A 259 -5.41 3.38 -2.53
N VAL A 260 -5.65 4.66 -2.26
CA VAL A 260 -4.80 5.74 -2.74
C VAL A 260 -4.57 6.70 -1.59
N ALA A 261 -3.32 7.11 -1.42
CA ALA A 261 -2.96 8.17 -0.48
C ALA A 261 -2.06 9.15 -1.23
N ALA A 262 -2.04 10.42 -0.80
CA ALA A 262 -1.18 11.40 -1.47
C ALA A 262 -0.44 12.23 -0.44
N VAL A 263 0.73 12.72 -0.83
CA VAL A 263 1.52 13.57 0.04
C VAL A 263 2.01 14.74 -0.81
N GLY A 264 2.38 15.81 -0.11
CA GLY A 264 2.95 16.96 -0.83
C GLY A 264 3.67 17.83 0.18
N GLY A 265 4.49 18.74 -0.34
CA GLY A 265 5.14 19.69 0.56
C GLY A 265 6.49 20.14 -0.01
N ASP A 266 7.36 20.57 0.93
CA ASP A 266 8.63 21.17 0.55
C ASP A 266 9.52 20.17 -0.16
N ALA A 267 10.05 20.59 -1.33
CA ALA A 267 10.78 19.65 -2.17
C ALA A 267 11.96 19.04 -1.44
N HIS A 268 12.70 19.85 -0.65
CA HIS A 268 13.94 19.32 -0.11
C HIS A 268 13.69 18.33 1.01
N LEU A 269 12.55 18.47 1.70
CA LEU A 269 12.23 17.52 2.76
C LEU A 269 11.76 16.18 2.19
N LEU A 270 11.32 16.18 0.93
CA LEU A 270 10.80 14.99 0.28
C LEU A 270 11.78 14.49 -0.78
N ALA A 271 13.05 14.90 -0.69
CA ALA A 271 14.05 14.50 -1.68
C ALA A 271 14.15 12.98 -1.77
N ALA A 272 14.10 12.30 -0.62
CA ALA A 272 14.25 10.84 -0.57
C ALA A 272 13.12 10.10 -1.31
N LEU A 273 12.00 10.80 -1.59
CA LEU A 273 10.93 10.17 -2.36
C LEU A 273 11.36 9.81 -3.78
N GLU A 274 12.48 10.34 -4.26
CA GLU A 274 12.96 9.94 -5.58
C GLU A 274 13.22 8.43 -5.63
N ASP A 275 13.43 7.78 -4.49
CA ASP A 275 13.66 6.34 -4.41
C ASP A 275 12.39 5.52 -4.32
N VAL A 276 11.23 6.16 -4.32
CA VAL A 276 9.97 5.43 -4.13
C VAL A 276 9.40 5.08 -5.50
N SER A 277 9.12 3.79 -5.70
CA SER A 277 8.38 3.29 -6.85
C SER A 277 7.74 1.99 -6.41
N PHE A 278 6.55 1.67 -6.91
CA PHE A 278 5.92 0.40 -6.58
C PHE A 278 5.16 -0.08 -7.80
N THR A 279 5.02 -1.42 -7.87
CA THR A 279 4.53 -2.08 -9.06
C THR A 279 3.20 -1.52 -9.54
N SER A 280 2.24 -1.29 -8.62
CA SER A 280 0.90 -0.91 -9.05
C SER A 280 0.74 0.60 -9.18
N TYR A 281 1.85 1.35 -9.26
CA TYR A 281 1.78 2.82 -9.29
C TYR A 281 0.73 3.35 -10.26
N PHE A 282 0.66 2.80 -11.47
CA PHE A 282 -0.21 3.32 -12.52
C PHE A 282 -1.47 2.52 -12.66
N GLU A 283 -1.81 1.71 -11.65
CA GLU A 283 -2.95 0.81 -11.79
C GLU A 283 -4.21 1.62 -12.11
N PRO A 284 -4.97 1.27 -13.16
CA PRO A 284 -5.95 2.26 -13.66
C PRO A 284 -7.21 2.38 -12.82
N THR A 285 -7.62 1.34 -12.07
CA THR A 285 -8.86 1.49 -11.30
C THR A 285 -8.64 2.41 -10.10
N ALA A 286 -7.47 2.31 -9.44
CA ALA A 286 -7.15 3.25 -8.38
C ALA A 286 -7.07 4.66 -8.95
N MET A 287 -6.47 4.81 -10.11
CA MET A 287 -6.36 6.12 -10.71
C MET A 287 -7.73 6.69 -11.06
N ALA A 288 -8.64 5.85 -11.54
CA ALA A 288 -9.98 6.31 -11.86
C ALA A 288 -10.71 6.74 -10.61
N ALA A 289 -10.58 5.96 -9.54
CA ALA A 289 -11.26 6.27 -8.29
C ALA A 289 -10.75 7.57 -7.70
N ALA A 290 -9.42 7.77 -7.68
CA ALA A 290 -8.85 8.97 -7.07
C ALA A 290 -9.16 10.22 -7.91
N THR A 291 -9.01 10.12 -9.24
CA THR A 291 -9.25 11.32 -10.06
C THR A 291 -10.72 11.71 -10.00
N THR A 292 -11.62 10.72 -10.16
CA THR A 292 -13.06 11.01 -10.14
C THR A 292 -13.49 11.59 -8.78
N THR A 293 -13.01 11.00 -7.69
CA THR A 293 -13.39 11.48 -6.35
C THR A 293 -12.76 12.85 -6.06
N LEU A 294 -11.47 13.02 -6.33
CA LEU A 294 -10.83 14.30 -6.04
C LEU A 294 -11.50 15.43 -6.83
N ARG A 295 -11.86 15.20 -8.10
CA ARG A 295 -12.53 16.27 -8.84
C ARG A 295 -13.80 16.70 -8.12
N ARG A 296 -14.53 15.76 -7.56
CA ARG A 296 -15.78 16.09 -6.87
C ARG A 296 -15.51 16.71 -5.49
N MET A 297 -14.55 16.15 -4.73
CA MET A 297 -14.21 16.74 -3.42
C MET A 297 -13.61 18.14 -3.57
N ALA A 298 -12.94 18.43 -4.70
CA ALA A 298 -12.36 19.75 -4.93
C ALA A 298 -13.45 20.81 -5.13
N THR A 299 -14.67 20.40 -5.47
CA THR A 299 -15.75 21.40 -5.59
C THR A 299 -16.27 21.88 -4.25
N GLY A 300 -15.95 21.18 -3.15
CA GLY A 300 -16.49 21.51 -1.86
C GLY A 300 -17.93 21.09 -1.66
N GLU A 301 -18.54 20.52 -2.69
CA GLU A 301 -19.98 20.30 -2.68
C GLU A 301 -20.31 19.13 -1.73
N PRO A 302 -19.56 17.99 -1.75
CA PRO A 302 -19.89 16.90 -0.81
C PRO A 302 -19.74 17.30 0.64
N GLN A 303 -18.69 18.04 0.95
CA GLN A 303 -18.45 18.38 2.35
C GLN A 303 -19.54 19.30 2.86
N GLN A 304 -20.04 20.20 2.01
CA GLN A 304 -21.12 21.09 2.45
C GLN A 304 -22.40 20.30 2.72
N ALA A 305 -22.74 19.34 1.83
CA ALA A 305 -23.94 18.53 2.01
C ALA A 305 -23.85 17.64 3.24
N ILE A 306 -22.69 17.01 3.46
CA ILE A 306 -22.52 16.13 4.62
C ILE A 306 -22.61 16.93 5.90
N ARG A 307 -21.99 18.11 5.90
CA ARG A 307 -22.01 18.96 7.10
C ARG A 307 -23.44 19.27 7.50
N ALA A 308 -24.26 19.71 6.54
CA ALA A 308 -25.66 20.07 6.82
C ALA A 308 -26.44 18.86 7.33
N ALA A 309 -26.35 17.74 6.60
CA ALA A 309 -27.10 16.54 6.97
C ALA A 309 -26.62 15.97 8.30
N GLY A 310 -25.29 15.85 8.48
CA GLY A 310 -24.78 15.34 9.75
C GLY A 310 -25.12 16.26 10.92
N ASP A 311 -25.08 17.57 10.69
CA ASP A 311 -25.44 18.51 11.75
C ASP A 311 -26.89 18.29 12.20
N ARG A 312 -27.79 18.01 11.25
CA ARG A 312 -29.19 17.77 11.64
C ARG A 312 -29.30 16.54 12.50
N PHE A 313 -28.57 15.48 12.14
CA PHE A 313 -28.58 14.26 12.92
C PHE A 313 -28.01 14.51 14.32
N ILE A 314 -26.89 15.23 14.39
CA ILE A 314 -26.30 15.52 15.70
C ILE A 314 -27.30 16.28 16.58
N ALA A 315 -27.90 17.32 16.03
CA ALA A 315 -28.81 18.16 16.82
C ALA A 315 -29.98 17.34 17.34
N HIS A 316 -30.57 16.53 16.47
CA HIS A 316 -31.66 15.66 16.89
C HIS A 316 -31.23 14.71 17.99
N THR A 317 -30.06 14.11 17.84
CA THR A 317 -29.64 13.08 18.78
C THR A 317 -29.26 13.67 20.12
N ARG A 318 -28.58 14.80 20.09
CA ARG A 318 -28.21 15.47 21.34
C ARG A 318 -29.47 15.80 22.12
N ALA A 319 -30.45 16.39 21.46
CA ALA A 319 -31.70 16.74 22.11
C ALA A 319 -32.43 15.51 22.61
N ALA A 320 -32.50 14.47 21.78
CA ALA A 320 -33.20 13.25 22.19
C ALA A 320 -32.64 12.69 23.50
N PHE A 321 -31.32 12.54 23.58
CA PHE A 321 -30.74 11.95 24.80
C PHE A 321 -30.93 12.88 26.00
N ALA A 322 -30.72 14.17 25.81
CA ALA A 322 -30.83 15.11 26.92
C ALA A 322 -32.23 15.12 27.50
N ASN A 323 -33.24 15.12 26.63
CA ASN A 323 -34.63 15.13 27.10
C ASN A 323 -35.03 13.83 27.76
N ALA A 324 -34.32 12.73 27.49
CA ALA A 324 -34.63 11.44 28.08
C ALA A 324 -33.75 11.14 29.26
N GLY A 325 -32.89 12.07 29.65
CA GLY A 325 -32.02 11.80 30.77
C GLY A 325 -30.92 10.80 30.49
N VAL A 326 -30.66 10.54 29.20
CA VAL A 326 -29.63 9.58 28.79
C VAL A 326 -28.29 10.32 28.79
N PRO A 327 -27.31 9.89 29.60
CA PRO A 327 -26.05 10.64 29.75
C PRO A 327 -25.07 10.37 28.61
N ILE A 328 -25.45 10.78 27.42
CA ILE A 328 -24.63 10.67 26.21
C ILE A 328 -24.72 11.99 25.50
N ASP A 329 -23.57 12.58 25.17
CA ASP A 329 -23.52 13.81 24.38
C ASP A 329 -22.76 13.53 23.09
N LEU A 330 -22.59 14.58 22.26
CA LEU A 330 -21.84 14.45 21.01
C LEU A 330 -20.80 15.56 20.91
N ALA A 331 -19.72 15.24 20.20
CA ALA A 331 -18.68 16.21 19.91
C ALA A 331 -18.43 16.19 18.42
N GLY A 332 -17.91 17.28 17.88
CA GLY A 332 -17.63 17.36 16.47
C GLY A 332 -18.74 17.99 15.66
N ASN A 333 -18.77 17.69 14.36
CA ASN A 333 -19.81 18.25 13.49
C ASN A 333 -20.25 17.20 12.44
N GLY A 334 -21.07 17.66 11.49
CA GLY A 334 -21.69 16.73 10.55
C GLY A 334 -20.70 15.91 9.74
N ASN A 335 -19.52 16.48 9.45
CA ASN A 335 -18.51 15.77 8.66
C ASN A 335 -17.83 14.68 9.48
N LEU A 336 -17.70 14.90 10.79
CA LEU A 336 -16.91 14.00 11.62
C LEU A 336 -17.30 14.29 13.06
N PHE A 337 -17.91 13.31 13.71
CA PHE A 337 -18.38 13.52 15.08
C PHE A 337 -18.16 12.26 15.91
N GLN A 338 -18.44 12.38 17.22
CA GLN A 338 -18.34 11.20 18.07
C GLN A 338 -19.36 11.28 19.19
N PHE A 339 -19.68 10.12 19.76
CA PHE A 339 -20.48 10.05 20.97
C PHE A 339 -19.58 10.09 22.21
N VAL A 340 -20.03 10.85 23.21
CA VAL A 340 -19.37 10.99 24.50
C VAL A 340 -20.33 10.40 25.54
N CYS A 341 -19.96 9.25 26.11
CA CYS A 341 -20.80 8.54 27.05
C CYS A 341 -20.28 8.74 28.48
N ALA A 342 -21.19 8.70 29.45
CA ALA A 342 -20.79 8.95 30.84
C ALA A 342 -19.70 7.97 31.29
N ASP A 343 -19.82 6.71 30.89
CA ASP A 343 -18.87 5.67 31.27
C ASP A 343 -18.99 4.54 30.24
N ASP A 344 -18.13 3.52 30.39
CA ASP A 344 -18.07 2.46 29.39
C ASP A 344 -19.30 1.57 29.43
N GLU A 345 -19.96 1.47 30.59
CA GLU A 345 -21.18 0.69 30.70
C GLU A 345 -22.31 1.35 29.89
N VAL A 346 -22.41 2.68 29.95
CA VAL A 346 -23.36 3.38 29.10
C VAL A 346 -22.99 3.19 27.63
N ALA A 347 -21.70 3.29 27.31
CA ALA A 347 -21.28 3.09 25.92
C ALA A 347 -21.66 1.70 25.41
N ASP A 348 -21.39 0.66 26.22
CA ASP A 348 -21.74 -0.70 25.81
C ASP A 348 -23.24 -0.83 25.55
N ALA A 349 -24.07 -0.27 26.44
CA ALA A 349 -25.52 -0.33 26.29
C ALA A 349 -25.96 0.48 25.07
N PHE A 350 -25.32 1.62 24.84
CA PHE A 350 -25.62 2.42 23.66
C PHE A 350 -25.32 1.63 22.37
N HIS A 351 -24.12 1.03 22.29
CA HIS A 351 -23.75 0.31 21.08
C HIS A 351 -24.65 -0.89 20.84
N ALA A 352 -25.02 -1.61 21.91
CA ALA A 352 -25.94 -2.73 21.73
C ALA A 352 -27.31 -2.27 21.22
N ALA A 353 -27.85 -1.15 21.77
CA ALA A 353 -29.13 -0.62 21.31
C ALA A 353 -29.04 -0.08 19.89
N ALA A 354 -27.92 0.58 19.54
CA ALA A 354 -27.75 1.06 18.18
C ALA A 354 -27.75 -0.09 17.19
N ALA A 355 -26.99 -1.14 17.49
CA ALA A 355 -26.97 -2.29 16.59
C ALA A 355 -28.36 -2.87 16.43
N ALA A 356 -29.15 -2.90 17.51
CA ALA A 356 -30.49 -3.47 17.40
C ALA A 356 -31.37 -2.68 16.45
N GLU A 357 -31.10 -1.37 16.28
CA GLU A 357 -31.87 -0.54 15.36
C GLU A 357 -31.23 -0.45 13.98
N GLY A 358 -30.13 -1.16 13.75
CA GLY A 358 -29.47 -1.10 12.46
C GLY A 358 -28.66 0.16 12.23
N LEU A 359 -28.19 0.80 13.31
CA LEU A 359 -27.24 1.90 13.18
C LEU A 359 -25.83 1.34 13.33
N LEU A 360 -24.99 1.57 12.32
CA LEU A 360 -23.63 1.04 12.33
C LEU A 360 -22.68 2.20 12.63
N PHE A 361 -22.28 2.30 13.88
CA PHE A 361 -21.30 3.30 14.27
C PHE A 361 -19.91 2.66 14.36
N PHE A 362 -18.88 3.49 14.16
CA PHE A 362 -17.50 3.09 14.47
C PHE A 362 -17.38 3.17 15.99
N GLU A 363 -17.40 2.04 16.68
CA GLU A 363 -17.62 2.06 18.12
C GLU A 363 -16.46 2.72 18.85
N GLY A 364 -16.78 3.72 19.68
CA GLY A 364 -15.81 4.43 20.48
C GLY A 364 -14.93 5.38 19.70
N ASP A 365 -15.22 5.57 18.42
CA ASP A 365 -14.32 6.29 17.54
C ASP A 365 -15.13 7.34 16.82
N ASN A 366 -14.69 7.77 15.65
CA ASN A 366 -15.40 8.83 14.93
C ASN A 366 -16.39 8.40 13.85
N GLN A 367 -17.55 9.05 13.85
CA GLN A 367 -18.58 8.78 12.86
C GLN A 367 -18.36 9.75 11.69
N THR A 368 -18.41 9.24 10.46
CA THR A 368 -18.11 10.04 9.28
C THR A 368 -19.14 9.72 8.20
N PRO A 369 -20.25 10.46 8.18
CA PRO A 369 -21.23 10.27 7.10
C PRO A 369 -20.62 10.53 5.73
N SER A 370 -21.20 9.91 4.71
CA SER A 370 -20.83 10.18 3.34
C SER A 370 -21.88 11.07 2.67
N ALA A 371 -21.63 11.43 1.42
CA ALA A 371 -22.59 12.27 0.71
C ALA A 371 -23.89 11.56 0.42
N ALA A 372 -23.95 10.25 0.59
CA ALA A 372 -25.21 9.51 0.45
C ALA A 372 -26.10 9.66 1.69
N PHE A 373 -25.61 10.33 2.74
CA PHE A 373 -26.41 10.63 3.93
C PHE A 373 -27.24 11.88 3.64
N THR A 374 -28.32 11.67 2.87
CA THR A 374 -29.21 12.71 2.37
C THR A 374 -30.35 12.95 3.34
N ASP A 375 -31.19 13.94 3.05
CA ASP A 375 -32.29 14.27 3.93
C ASP A 375 -33.16 13.07 4.31
N GLU A 376 -33.33 12.11 3.40
CA GLU A 376 -34.20 10.99 3.70
C GLU A 376 -33.49 9.98 4.59
N VAL A 377 -32.18 9.83 4.43
CA VAL A 377 -31.46 8.96 5.35
C VAL A 377 -31.35 9.60 6.72
N VAL A 378 -31.23 10.93 6.77
CA VAL A 378 -31.24 11.62 8.05
C VAL A 378 -32.53 11.27 8.81
N GLU A 379 -33.67 11.36 8.12
CA GLU A 379 -34.93 11.07 8.82
C GLU A 379 -34.94 9.65 9.34
N ASP A 380 -34.49 8.70 8.51
CA ASP A 380 -34.44 7.31 8.95
C ASP A 380 -33.54 7.17 10.18
N ALA A 381 -32.35 7.77 10.11
CA ALA A 381 -31.41 7.64 11.22
C ALA A 381 -31.95 8.26 12.51
N CYS A 382 -32.63 9.41 12.38
CA CYS A 382 -33.20 10.07 13.55
C CYS A 382 -34.27 9.19 14.18
N GLY A 383 -35.08 8.52 13.34
CA GLY A 383 -36.04 7.56 13.86
C GLY A 383 -35.39 6.41 14.59
N ARG A 384 -34.30 5.88 14.04
CA ARG A 384 -33.60 4.82 14.75
C ARG A 384 -33.04 5.32 16.07
N ILE A 385 -32.53 6.57 16.09
CA ILE A 385 -32.01 7.11 17.35
C ILE A 385 -33.13 7.30 18.37
N ASP A 386 -34.35 7.64 17.93
CA ASP A 386 -35.47 7.72 18.86
C ASP A 386 -35.68 6.39 19.57
N ARG A 387 -35.55 5.28 18.85
CA ARG A 387 -35.69 3.97 19.46
C ARG A 387 -34.50 3.65 20.35
N VAL A 388 -33.31 4.08 19.96
CA VAL A 388 -32.15 3.91 20.84
C VAL A 388 -32.37 4.65 22.15
N SER A 389 -32.81 5.92 22.05
CA SER A 389 -33.02 6.74 23.23
C SER A 389 -34.08 6.14 24.15
N ALA A 390 -35.18 5.66 23.56
CA ALA A 390 -36.19 4.97 24.34
C ALA A 390 -35.59 3.75 25.03
N ALA A 391 -34.74 2.99 24.33
CA ALA A 391 -34.15 1.78 24.89
C ALA A 391 -33.19 2.08 26.05
N LEU A 392 -32.58 3.28 26.10
CA LEU A 392 -31.68 3.62 27.19
C LEU A 392 -32.35 4.39 28.33
N THR A 393 -33.55 4.89 28.11
CA THR A 393 -34.20 5.74 29.12
C THR A 393 -34.41 5.01 30.45
N GLY A 394 -34.17 5.72 31.55
CA GLY A 394 -34.40 5.17 32.86
C GLY A 394 -33.34 4.23 33.37
N ARG A 395 -32.33 3.89 32.56
CA ARG A 395 -31.33 2.91 32.97
C ARG A 395 -30.08 3.54 33.57
N PHE A 396 -29.76 4.77 33.19
CA PHE A 396 -28.53 5.42 33.60
C PHE A 396 -28.78 6.87 33.99
N THR A 397 -29.98 7.18 34.47
CA THR A 397 -30.35 8.56 34.79
C THR A 397 -29.42 9.16 35.83
N ASP A 398 -28.89 8.32 36.74
CA ASP A 398 -28.05 8.77 37.85
C ASP A 398 -26.62 9.06 37.41
N ARG A 399 -26.21 8.63 36.22
CA ARG A 399 -24.84 8.85 35.78
C ARG A 399 -24.74 10.21 35.13
N GLU A 400 -23.56 10.80 35.23
CA GLU A 400 -23.32 12.15 34.74
C GLU A 400 -22.14 12.16 33.80
N LEU A 401 -22.21 13.02 32.78
CA LEU A 401 -21.07 13.32 31.93
C LEU A 401 -20.08 14.14 32.74
N THR A 402 -18.93 13.58 33.04
CA THR A 402 -17.94 14.28 33.85
C THR A 402 -16.75 14.65 32.99
N GLU A 403 -15.84 15.43 33.60
CA GLU A 403 -14.58 15.71 32.92
C GLU A 403 -13.86 14.42 32.53
N GLU A 404 -13.92 13.41 33.39
CA GLU A 404 -13.32 12.12 33.09
C GLU A 404 -13.98 11.46 31.87
N SER A 405 -15.32 11.58 31.77
CA SER A 405 -16.03 11.07 30.60
C SER A 405 -15.47 11.66 29.31
N TRP A 406 -15.34 12.99 29.30
CA TRP A 406 -14.87 13.67 28.09
C TRP A 406 -13.44 13.28 27.75
N TYR A 407 -12.55 13.22 28.75
CA TYR A 407 -11.18 12.82 28.45
C TYR A 407 -11.10 11.41 27.90
N ALA A 408 -11.85 10.48 28.52
CA ALA A 408 -11.81 9.08 28.08
C ALA A 408 -12.36 8.94 26.66
N SER A 409 -13.49 9.62 26.39
CA SER A 409 -14.11 9.55 25.07
C SER A 409 -13.18 10.14 24.01
N ALA A 410 -12.63 11.33 24.27
CA ALA A 410 -11.71 11.96 23.32
C ALA A 410 -10.50 11.07 23.06
N TRP A 411 -9.93 10.49 24.12
CA TRP A 411 -8.78 9.63 23.97
C TRP A 411 -9.06 8.49 23.01
N GLY A 412 -10.24 7.88 23.15
CA GLY A 412 -10.58 6.76 22.29
C GLY A 412 -10.74 7.15 20.83
N ALA A 413 -11.14 8.40 20.56
CA ALA A 413 -11.46 8.83 19.19
C ALA A 413 -10.36 9.63 18.51
N MET A 414 -9.51 10.36 19.24
CA MET A 414 -8.45 11.14 18.59
C MET A 414 -7.06 10.87 19.18
N ASP A 415 -6.91 9.87 20.05
CA ASP A 415 -5.65 9.21 20.37
C ASP A 415 -4.73 10.10 21.21
N GLY A 416 -5.33 11.01 21.97
CA GLY A 416 -4.54 11.82 22.87
C GLY A 416 -5.42 12.62 23.81
N LEU A 417 -4.85 13.70 24.34
CA LEU A 417 -5.54 14.52 25.35
C LEU A 417 -6.34 15.66 24.71
N ALA A 418 -7.63 15.74 25.05
CA ALA A 418 -8.46 16.88 24.70
C ALA A 418 -7.85 18.18 25.23
N ASP A 419 -8.14 19.28 24.53
CA ASP A 419 -7.66 20.60 24.99
C ASP A 419 -8.72 21.13 25.93
N ARG A 420 -8.69 20.63 27.15
CA ARG A 420 -9.57 21.13 28.19
C ARG A 420 -8.65 21.68 29.27
N PRO A 421 -9.04 22.77 29.94
CA PRO A 421 -8.11 23.38 30.91
C PRO A 421 -7.72 22.36 31.97
N ARG A 422 -6.43 22.24 32.22
CA ARG A 422 -5.99 21.28 33.22
C ARG A 422 -4.60 21.69 33.70
N THR A 423 -4.26 21.22 34.91
CA THR A 423 -2.93 21.44 35.46
C THR A 423 -1.97 20.39 34.93
N ARG A 424 -0.68 20.65 35.11
CA ARG A 424 0.31 19.64 34.73
C ARG A 424 0.17 18.39 35.59
N GLU A 425 -0.23 18.55 36.85
CA GLU A 425 -0.40 17.36 37.67
C GLU A 425 -1.59 16.54 37.20
N GLU A 426 -2.62 17.22 36.69
CA GLU A 426 -3.75 16.49 36.14
C GLU A 426 -3.37 15.81 34.84
N THR A 427 -2.51 16.43 34.03
CA THR A 427 -2.03 15.76 32.81
C THR A 427 -1.45 14.39 33.16
N THR A 428 -0.57 14.36 34.18
CA THR A 428 -0.02 13.09 34.60
C THR A 428 -1.09 12.13 35.05
N ALA A 429 -2.08 12.60 35.82
CA ALA A 429 -3.08 11.66 36.32
C ALA A 429 -3.92 11.09 35.19
N ILE A 430 -4.27 11.93 34.21
CA ILE A 430 -5.08 11.45 33.09
C ILE A 430 -4.31 10.42 32.27
N VAL A 431 -3.06 10.74 31.93
CA VAL A 431 -2.26 9.81 31.16
C VAL A 431 -2.09 8.48 31.89
N GLU A 432 -1.84 8.52 33.21
CA GLU A 432 -1.71 7.27 33.95
C GLU A 432 -3.01 6.48 33.92
N ARG A 433 -4.14 7.18 33.93
CA ARG A 433 -5.43 6.49 33.91
C ARG A 433 -5.70 5.87 32.56
N LEU A 434 -5.32 6.55 31.48
CA LEU A 434 -5.83 6.18 30.17
C LEU A 434 -4.81 5.46 29.29
N TRP A 435 -3.52 5.48 29.66
CA TRP A 435 -2.51 4.85 28.82
C TRP A 435 -2.65 3.33 28.85
N GLU A 436 -2.60 2.73 27.65
CA GLU A 436 -2.71 1.29 27.38
C GLU A 436 -4.09 0.75 27.77
N LYS B 29 7.80 16.73 -13.05
CA LYS B 29 8.24 17.99 -12.45
C LYS B 29 7.63 18.19 -11.06
N LEU B 30 6.33 17.99 -11.03
CA LEU B 30 5.55 18.06 -9.81
C LEU B 30 5.78 16.82 -8.96
N LEU B 31 6.11 15.70 -9.59
CA LEU B 31 6.17 14.42 -8.89
C LEU B 31 7.51 14.32 -8.15
N ALA B 32 7.46 14.14 -6.83
CA ALA B 32 8.66 13.94 -6.02
C ALA B 32 9.23 12.53 -6.18
N GLN B 33 8.43 11.59 -6.66
CA GLN B 33 8.83 10.20 -6.78
C GLN B 33 9.36 9.94 -8.18
N GLU B 34 10.03 8.80 -8.36
CA GLU B 34 10.58 8.41 -9.66
C GLU B 34 10.03 7.01 -9.98
N PRO B 35 8.76 6.93 -10.39
CA PRO B 35 8.17 5.61 -10.60
C PRO B 35 8.83 4.93 -11.80
N THR B 36 9.04 3.64 -11.66
CA THR B 36 9.58 2.85 -12.77
C THR B 36 8.52 2.75 -13.83
N CYS B 37 8.87 3.09 -15.06
CA CYS B 37 7.90 3.05 -16.15
C CYS B 37 8.66 3.17 -17.48
N PRO B 38 8.02 2.83 -18.61
CA PRO B 38 8.71 3.01 -19.90
C PRO B 38 8.98 4.48 -20.11
N ARG B 39 10.23 4.78 -20.50
CA ARG B 39 10.64 6.15 -20.73
C ARG B 39 11.36 6.23 -22.08
N ASP B 40 11.31 7.40 -22.71
CA ASP B 40 12.06 7.57 -23.95
C ASP B 40 13.55 7.76 -23.62
N ALA B 41 14.36 7.95 -24.68
CA ALA B 41 15.81 8.04 -24.51
C ALA B 41 16.21 9.28 -23.72
N ASP B 42 15.32 10.27 -23.63
CA ASP B 42 15.55 11.44 -22.78
C ASP B 42 15.04 11.27 -21.36
N GLY B 43 14.47 10.11 -21.03
CA GLY B 43 13.99 9.86 -19.69
C GLY B 43 12.55 10.30 -19.43
N ARG B 44 11.84 10.77 -20.45
CA ARG B 44 10.46 11.20 -20.28
C ARG B 44 9.53 9.99 -20.32
N PRO B 45 8.60 9.84 -19.36
CA PRO B 45 7.64 8.71 -19.43
C PRO B 45 6.89 8.66 -20.77
N ARG B 46 6.79 7.44 -21.33
CA ARG B 46 5.90 7.17 -22.45
C ARG B 46 4.47 7.09 -21.94
N VAL B 47 3.54 7.76 -22.63
CA VAL B 47 2.13 7.73 -22.26
C VAL B 47 1.41 6.72 -23.13
N PHE B 48 0.54 5.91 -22.53
CA PHE B 48 -0.37 5.06 -23.29
C PHE B 48 -1.79 5.35 -22.86
N VAL B 49 -2.70 5.45 -23.84
CA VAL B 49 -4.06 5.91 -23.60
C VAL B 49 -4.97 4.77 -23.15
N GLU B 50 -4.77 3.60 -23.72
CA GLU B 50 -5.63 2.45 -23.47
C GLU B 50 -4.82 1.20 -23.75
N GLY B 51 -5.38 0.08 -23.33
CA GLY B 51 -4.77 -1.21 -23.57
C GLY B 51 -5.84 -2.26 -23.62
N SER B 52 -5.56 -3.33 -24.34
CA SER B 52 -6.46 -4.47 -24.39
C SER B 52 -5.65 -5.72 -24.70
N GLY B 53 -5.68 -6.68 -23.79
CA GLY B 53 -4.92 -7.91 -23.97
C GLY B 53 -3.43 -7.61 -23.95
N ALA B 54 -2.73 -7.86 -25.06
CA ALA B 54 -1.30 -7.58 -25.17
C ALA B 54 -1.01 -6.25 -25.88
N TYR B 55 -2.04 -5.52 -26.32
CA TYR B 55 -1.81 -4.33 -27.12
C TYR B 55 -2.10 -3.04 -26.36
N LEU B 56 -1.21 -2.06 -26.53
CA LEU B 56 -1.39 -0.72 -26.01
C LEU B 56 -1.57 0.24 -27.18
N THR B 57 -2.34 1.31 -26.97
CA THR B 57 -2.45 2.36 -27.98
C THR B 57 -1.88 3.66 -27.42
N ASP B 58 -1.00 4.32 -28.18
CA ASP B 58 -0.36 5.52 -27.69
C ASP B 58 -1.17 6.76 -28.08
N PRO B 59 -0.77 7.96 -27.63
CA PRO B 59 -1.54 9.17 -27.99
C PRO B 59 -1.67 9.40 -29.49
N ASP B 60 -0.76 8.87 -30.32
CA ASP B 60 -0.88 9.04 -31.77
C ASP B 60 -1.69 7.96 -32.44
N GLY B 61 -2.22 6.99 -31.69
CA GLY B 61 -2.98 5.89 -32.27
C GLY B 61 -2.16 4.68 -32.66
N ARG B 62 -0.84 4.70 -32.46
CA ARG B 62 0.00 3.55 -32.79
C ARG B 62 -0.19 2.43 -31.75
N ARG B 63 -0.22 1.18 -32.21
CA ARG B 63 -0.42 0.01 -31.37
C ARG B 63 0.93 -0.61 -31.04
N TRP B 64 1.15 -0.87 -29.77
CA TRP B 64 2.39 -1.45 -29.26
C TRP B 64 2.07 -2.79 -28.60
N ILE B 65 3.06 -3.69 -28.58
CA ILE B 65 2.91 -4.98 -27.90
C ILE B 65 3.60 -4.89 -26.54
N ASP B 66 2.87 -5.19 -25.47
CA ASP B 66 3.39 -5.01 -24.12
C ASP B 66 4.05 -6.29 -23.63
N PHE B 67 5.34 -6.21 -23.32
CA PHE B 67 6.05 -7.29 -22.62
C PHE B 67 6.35 -6.92 -21.16
N ASP B 68 6.08 -5.69 -20.78
CA ASP B 68 6.31 -5.21 -19.41
C ASP B 68 5.14 -5.58 -18.49
N ASN B 69 3.92 -5.25 -18.92
CA ASN B 69 2.71 -5.70 -18.24
C ASN B 69 2.70 -5.32 -16.77
N ALA B 70 2.87 -4.02 -16.53
CA ALA B 70 2.93 -3.47 -15.19
C ALA B 70 3.92 -4.23 -14.34
N ARG B 71 5.16 -4.30 -14.80
CA ARG B 71 6.23 -4.97 -14.08
C ARG B 71 5.91 -6.43 -13.78
N GLY B 72 5.17 -7.06 -14.69
CA GLY B 72 4.79 -8.44 -14.54
C GLY B 72 3.57 -8.70 -13.70
N SER B 73 2.78 -7.68 -13.37
CA SER B 73 1.59 -7.95 -12.59
C SER B 73 0.34 -8.17 -13.44
N VAL B 74 0.39 -7.80 -14.71
CA VAL B 74 -0.73 -8.10 -15.61
C VAL B 74 -0.40 -9.44 -16.26
N VAL B 75 -0.95 -10.50 -15.72
CA VAL B 75 -0.64 -11.85 -16.20
C VAL B 75 -1.76 -12.46 -17.03
N LEU B 76 -2.98 -11.91 -16.94
CA LEU B 76 -4.06 -12.39 -17.80
C LEU B 76 -4.23 -11.53 -19.05
N GLY B 77 -3.86 -10.25 -19.00
CA GLY B 77 -3.99 -9.35 -20.14
C GLY B 77 -4.72 -8.09 -19.69
N HIS B 78 -4.38 -6.96 -20.32
CA HIS B 78 -5.05 -5.72 -19.98
C HIS B 78 -6.54 -5.77 -20.27
N GLY B 79 -7.34 -5.35 -19.29
CA GLY B 79 -8.78 -5.33 -19.49
C GLY B 79 -9.46 -6.66 -19.57
N ASP B 80 -8.84 -7.72 -19.04
CA ASP B 80 -9.46 -9.04 -19.00
C ASP B 80 -10.92 -8.96 -18.59
N GLU B 81 -11.81 -9.53 -19.42
CA GLU B 81 -13.23 -9.23 -19.21
C GLU B 81 -13.76 -9.90 -17.95
N GLU B 82 -13.35 -11.13 -17.64
CA GLU B 82 -13.87 -11.77 -16.44
C GLU B 82 -13.49 -10.98 -15.19
N VAL B 83 -12.24 -10.56 -15.11
CA VAL B 83 -11.84 -9.72 -13.98
C VAL B 83 -12.60 -8.40 -14.01
N ALA B 84 -12.76 -7.80 -15.20
CA ALA B 84 -13.45 -6.52 -15.27
C ALA B 84 -14.90 -6.65 -14.79
N GLU B 85 -15.58 -7.74 -15.15
CA GLU B 85 -16.94 -7.89 -14.64
C GLU B 85 -16.98 -8.02 -13.12
N ALA B 86 -16.04 -8.76 -12.53
CA ALA B 86 -15.97 -8.87 -11.09
C ALA B 86 -15.64 -7.52 -10.45
N ILE B 87 -14.72 -6.77 -11.05
CA ILE B 87 -14.39 -5.46 -10.48
C ILE B 87 -15.60 -4.52 -10.56
N ALA B 88 -16.31 -4.52 -11.70
CA ALA B 88 -17.41 -3.59 -11.85
C ALA B 88 -18.52 -3.88 -10.85
N ARG B 89 -18.86 -5.16 -10.66
CA ARG B 89 -19.87 -5.50 -9.66
C ARG B 89 -19.43 -5.10 -8.26
N ALA B 90 -18.15 -5.35 -7.92
CA ALA B 90 -17.63 -4.90 -6.63
C ALA B 90 -17.70 -3.37 -6.50
N ALA B 91 -17.42 -2.64 -7.60
CA ALA B 91 -17.52 -1.18 -7.56
C ALA B 91 -18.96 -0.69 -7.34
N ARG B 92 -19.97 -1.50 -7.59
CA ARG B 92 -21.36 -1.15 -7.32
C ARG B 92 -21.85 -1.70 -5.99
N GLY B 93 -20.96 -2.18 -5.13
CA GLY B 93 -21.34 -2.60 -3.79
C GLY B 93 -21.98 -3.97 -3.72
N ARG B 94 -22.01 -4.73 -4.83
CA ARG B 94 -22.71 -6.01 -4.88
C ARG B 94 -21.99 -7.16 -4.21
N SER B 95 -20.69 -7.01 -3.91
CA SER B 95 -19.82 -8.06 -3.41
C SER B 95 -19.10 -7.64 -2.15
N GLY B 96 -19.83 -6.95 -1.26
CA GLY B 96 -19.26 -6.50 0.00
C GLY B 96 -18.96 -5.00 -0.02
N VAL B 97 -18.62 -4.48 1.15
CA VAL B 97 -18.28 -3.07 1.26
C VAL B 97 -17.00 -2.92 2.06
N GLY B 98 -16.31 -1.81 1.84
CA GLY B 98 -15.06 -1.56 2.57
C GLY B 98 -15.24 -1.47 4.08
N THR B 99 -16.46 -1.26 4.55
CA THR B 99 -16.71 -1.14 5.98
C THR B 99 -16.47 -2.44 6.73
N ALA B 100 -16.69 -3.60 6.10
CA ALA B 100 -16.84 -4.81 6.90
C ALA B 100 -16.41 -6.07 6.16
N TRP B 101 -16.17 -7.11 6.97
CA TRP B 101 -15.98 -8.49 6.53
C TRP B 101 -17.08 -8.92 5.55
N SER B 102 -16.69 -9.62 4.50
CA SER B 102 -17.62 -10.13 3.51
C SER B 102 -17.17 -11.54 3.13
N PRO B 103 -18.05 -12.35 2.54
CA PRO B 103 -17.66 -13.73 2.19
C PRO B 103 -16.51 -13.82 1.20
N VAL B 104 -16.25 -12.75 0.44
CA VAL B 104 -15.22 -12.90 -0.57
C VAL B 104 -13.88 -12.98 0.12
N LEU B 105 -13.77 -12.37 1.31
CA LEU B 105 -12.51 -12.44 2.03
C LEU B 105 -12.22 -13.87 2.47
N ASP B 106 -13.24 -14.56 3.00
CA ASP B 106 -13.08 -15.96 3.40
C ASP B 106 -12.57 -16.80 2.23
N SER B 107 -13.13 -16.57 1.03
CA SER B 107 -12.73 -17.36 -0.13
C SER B 107 -11.31 -17.04 -0.57
N LEU B 108 -10.93 -15.77 -0.59
CA LEU B 108 -9.57 -15.42 -0.96
C LEU B 108 -8.56 -16.03 0.00
N LEU B 109 -8.80 -15.92 1.31
CA LEU B 109 -7.82 -16.46 2.24
C LEU B 109 -7.68 -17.96 2.03
N GLY B 110 -8.80 -18.67 1.84
CA GLY B 110 -8.73 -20.10 1.61
C GLY B 110 -7.98 -20.46 0.33
N GLN B 111 -8.20 -19.68 -0.74
CA GLN B 111 -7.50 -19.96 -2.00
C GLN B 111 -6.01 -19.79 -1.85
N LEU B 112 -5.59 -18.72 -1.16
CA LEU B 112 -4.17 -18.47 -0.97
C LEU B 112 -3.50 -19.60 -0.21
N GLN B 113 -4.13 -20.03 0.87
CA GLN B 113 -3.55 -21.10 1.67
C GLN B 113 -3.49 -22.40 0.89
N GLU B 114 -4.51 -22.66 0.07
CA GLU B 114 -4.54 -23.89 -0.72
C GLU B 114 -3.43 -23.92 -1.76
N VAL B 115 -3.16 -22.80 -2.42
CA VAL B 115 -2.19 -22.80 -3.51
C VAL B 115 -0.76 -22.72 -2.96
N CYS B 116 -0.53 -21.92 -1.90
CA CYS B 116 0.82 -21.66 -1.41
C CYS B 116 1.19 -22.41 -0.13
N GLY B 117 0.22 -22.91 0.60
CA GLY B 117 0.49 -23.60 1.85
C GLY B 117 0.65 -22.61 3.00
N GLY B 118 0.90 -23.16 4.18
CA GLY B 118 1.14 -22.34 5.36
C GLY B 118 0.06 -22.47 6.41
N ASP B 119 0.46 -22.21 7.68
CA ASP B 119 -0.48 -22.18 8.80
C ASP B 119 -1.47 -21.04 8.67
N VAL B 120 -0.96 -19.83 8.38
CA VAL B 120 -1.74 -18.60 8.39
C VAL B 120 -1.38 -17.78 7.16
N VAL B 121 -2.24 -16.79 6.87
CA VAL B 121 -2.06 -15.91 5.71
C VAL B 121 -2.34 -14.47 6.12
N GLY B 122 -1.80 -13.53 5.33
CA GLY B 122 -2.07 -12.11 5.56
C GLY B 122 -2.10 -11.40 4.22
N LEU B 123 -2.71 -10.22 4.21
CA LEU B 123 -2.86 -9.43 3.01
C LEU B 123 -2.28 -8.03 3.18
N TYR B 124 -1.77 -7.48 2.07
CA TYR B 124 -1.13 -6.18 2.06
C TYR B 124 -1.49 -5.47 0.75
N ARG B 125 -1.16 -4.18 0.68
CA ARG B 125 -1.46 -3.44 -0.54
C ARG B 125 -0.29 -3.38 -1.53
N THR B 126 0.95 -3.66 -1.09
CA THR B 126 2.09 -3.73 -2.00
C THR B 126 3.04 -4.84 -1.56
N GLY B 127 3.90 -5.27 -2.48
CA GLY B 127 4.99 -6.16 -2.09
C GLY B 127 5.89 -5.52 -1.05
N THR B 128 6.20 -4.22 -1.23
CA THR B 128 7.07 -3.53 -0.29
C THR B 128 6.52 -3.62 1.14
N ALA B 129 5.24 -3.33 1.31
CA ALA B 129 4.63 -3.36 2.65
C ALA B 129 4.67 -4.78 3.21
N ALA B 130 4.38 -5.76 2.35
CA ALA B 130 4.41 -7.15 2.80
C ALA B 130 5.82 -7.56 3.23
N LEU B 131 6.83 -7.23 2.42
CA LEU B 131 8.18 -7.65 2.79
C LEU B 131 8.64 -6.99 4.08
N ARG B 132 8.33 -5.69 4.26
CA ARG B 132 8.78 -5.06 5.49
C ARG B 132 8.09 -5.69 6.69
N SER B 133 6.77 -5.86 6.59
CA SER B 133 6.00 -6.37 7.72
C SER B 133 6.44 -7.79 8.09
N VAL B 134 6.62 -8.64 7.07
CA VAL B 134 7.03 -10.03 7.37
C VAL B 134 8.43 -10.05 7.96
N THR B 135 9.35 -9.24 7.41
CA THR B 135 10.72 -9.28 7.90
C THR B 135 10.77 -8.82 9.36
N CYS B 136 10.07 -7.71 9.66
CA CYS B 136 10.00 -7.25 11.05
C CYS B 136 9.38 -8.31 11.96
N ALA B 137 8.32 -8.96 11.49
CA ALA B 137 7.67 -9.97 12.34
C ALA B 137 8.60 -11.15 12.62
N VAL B 138 9.34 -11.61 11.58
CA VAL B 138 10.21 -12.76 11.76
C VAL B 138 11.38 -12.39 12.67
N ARG B 139 11.93 -11.19 12.50
CA ARG B 139 13.02 -10.74 13.36
C ARG B 139 12.54 -10.69 14.81
N ASP B 140 11.33 -10.17 15.03
CA ASP B 140 10.80 -10.11 16.39
C ASP B 140 10.59 -11.49 16.97
N ALA B 141 10.02 -12.41 16.19
CA ALA B 141 9.77 -13.76 16.72
C ALA B 141 11.08 -14.48 17.04
N ARG B 142 12.10 -14.26 16.23
CA ARG B 142 13.38 -14.95 16.37
C ARG B 142 14.28 -14.30 17.41
N ASP B 143 13.96 -13.06 17.81
CA ASP B 143 14.74 -12.29 18.77
C ASP B 143 16.23 -12.24 18.39
N ARG B 144 16.47 -12.05 17.09
CA ARG B 144 17.79 -11.90 16.53
C ARG B 144 17.74 -10.73 15.56
N SER B 145 18.87 -10.08 15.33
CA SER B 145 18.87 -8.81 14.61
C SER B 145 19.36 -8.90 13.17
N ILE B 146 20.13 -9.93 12.79
CA ILE B 146 20.76 -9.99 11.46
C ILE B 146 19.83 -10.73 10.51
N VAL B 147 19.58 -10.14 9.33
CA VAL B 147 18.84 -10.78 8.25
C VAL B 147 19.74 -10.85 7.04
N LEU B 148 19.92 -12.06 6.48
CA LEU B 148 20.71 -12.21 5.25
C LEU B 148 19.76 -12.09 4.06
N SER B 149 20.09 -11.23 3.10
CA SER B 149 19.15 -10.90 2.04
C SER B 149 19.82 -10.96 0.67
N SER B 150 19.09 -11.51 -0.30
CA SER B 150 19.43 -11.30 -1.70
C SER B 150 18.16 -10.97 -2.47
N GLY B 151 18.33 -10.12 -3.48
CA GLY B 151 17.24 -9.77 -4.38
C GLY B 151 16.53 -8.51 -3.93
N TYR B 152 15.69 -7.99 -4.82
CA TYR B 152 14.90 -6.80 -4.50
C TYR B 152 13.70 -7.16 -3.63
N HIS B 153 13.44 -6.34 -2.60
CA HIS B 153 12.31 -6.58 -1.69
C HIS B 153 11.38 -5.38 -1.58
N GLY B 154 11.54 -4.38 -2.42
CA GLY B 154 10.67 -3.24 -2.35
C GLY B 154 11.44 -1.97 -2.05
N TYR B 155 10.67 -0.87 -1.95
CA TYR B 155 11.33 0.45 -1.98
C TYR B 155 11.71 0.95 -0.59
N ASP B 156 11.32 0.23 0.46
CA ASP B 156 11.46 0.75 1.82
C ASP B 156 12.94 0.98 2.13
N PRO B 157 13.27 2.07 2.84
CA PRO B 157 14.69 2.33 3.15
C PRO B 157 15.36 1.27 4.04
N MET B 158 14.60 0.35 4.64
CA MET B 158 15.22 -0.67 5.49
C MET B 158 16.20 -1.53 4.68
N TRP B 159 16.00 -1.62 3.36
CA TRP B 159 16.85 -2.44 2.51
C TRP B 159 18.07 -1.69 1.97
N HIS B 160 18.15 -0.38 2.13
CA HIS B 160 19.26 0.39 1.56
C HIS B 160 20.58 0.02 2.21
N CYS B 161 21.63 -0.10 1.42
CA CYS B 161 22.92 -0.31 2.04
C CYS B 161 24.02 0.34 1.22
N ASP B 162 25.10 0.72 1.91
CA ASP B 162 26.26 1.35 1.28
C ASP B 162 27.20 0.35 0.63
N GLU B 163 27.21 -0.89 1.11
CA GLU B 163 28.21 -1.90 0.74
C GLU B 163 27.53 -3.25 0.85
N PRO B 164 27.86 -4.21 -0.01
CA PRO B 164 27.36 -5.57 0.21
C PRO B 164 28.17 -6.27 1.28
N PHE B 165 27.62 -7.37 1.78
CA PHE B 165 28.33 -8.35 2.63
C PHE B 165 28.54 -7.87 4.07
N THR B 166 28.01 -6.71 4.45
CA THR B 166 28.11 -6.22 5.81
C THR B 166 26.75 -5.66 6.23
N PRO B 167 26.46 -5.67 7.53
CA PRO B 167 25.11 -5.27 7.97
C PRO B 167 24.90 -3.78 7.77
N ASN B 168 23.72 -3.43 7.24
CA ASN B 168 23.34 -2.02 7.17
C ASN B 168 22.82 -1.61 8.55
N GLN B 169 22.32 -0.37 8.66
CA GLN B 169 21.93 0.07 9.98
C GLN B 169 20.70 -0.64 10.51
N HIS B 170 20.01 -1.42 9.67
CA HIS B 170 18.83 -2.18 10.09
C HIS B 170 19.15 -3.66 10.34
N GLY B 171 20.43 -4.04 10.29
CA GLY B 171 20.83 -5.44 10.48
C GLY B 171 20.74 -6.30 9.24
N ILE B 172 20.46 -5.72 8.07
CA ILE B 172 20.34 -6.47 6.82
C ILE B 172 21.71 -6.60 6.18
N VAL B 173 22.07 -7.82 5.79
CA VAL B 173 23.31 -8.12 5.08
C VAL B 173 22.95 -8.56 3.66
N GLU B 174 23.30 -7.74 2.65
CA GLU B 174 23.14 -8.13 1.25
C GLU B 174 24.24 -9.11 0.84
N PHE B 175 23.88 -10.28 0.31
CA PHE B 175 24.91 -11.24 -0.10
C PHE B 175 24.86 -11.59 -1.58
N LEU B 176 24.06 -10.89 -2.39
CA LEU B 176 24.10 -10.91 -3.87
C LEU B 176 24.04 -12.32 -4.47
N PHE B 177 23.31 -13.22 -3.80
CA PHE B 177 23.15 -14.64 -4.16
C PHE B 177 24.47 -15.38 -4.19
N ASP B 178 25.47 -14.88 -3.47
CA ASP B 178 26.76 -15.57 -3.39
C ASP B 178 26.77 -16.55 -2.22
N LEU B 179 26.93 -17.83 -2.52
CA LEU B 179 26.82 -18.85 -1.49
C LEU B 179 28.05 -18.95 -0.61
N ASP B 180 29.24 -18.57 -1.10
CA ASP B 180 30.41 -18.48 -0.22
C ASP B 180 30.18 -17.46 0.89
N VAL B 181 29.69 -16.27 0.54
CA VAL B 181 29.39 -15.26 1.55
C VAL B 181 28.26 -15.74 2.45
N LEU B 182 27.21 -16.34 1.88
CA LEU B 182 26.14 -16.85 2.74
C LEU B 182 26.70 -17.88 3.74
N ALA B 183 27.51 -18.82 3.26
CA ALA B 183 28.08 -19.83 4.16
C ALA B 183 28.89 -19.17 5.26
N GLU B 184 29.63 -18.10 4.96
CA GLU B 184 30.42 -17.39 5.97
C GLU B 184 29.51 -16.83 7.07
N TRP B 185 28.43 -16.14 6.67
CA TRP B 185 27.50 -15.59 7.66
C TRP B 185 26.76 -16.68 8.42
N LEU B 186 26.42 -17.80 7.77
CA LEU B 186 25.70 -18.86 8.44
C LEU B 186 26.60 -19.74 9.31
N SER B 187 27.92 -19.59 9.22
CA SER B 187 28.81 -20.39 10.07
C SER B 187 28.77 -19.94 11.54
N ARG B 188 28.23 -18.75 11.84
CA ARG B 188 27.90 -18.34 13.20
C ARG B 188 26.40 -18.07 13.23
N PRO B 189 25.58 -19.13 13.10
CA PRO B 189 24.15 -18.96 12.79
C PRO B 189 23.34 -18.32 13.90
N GLU B 190 23.78 -18.35 15.17
CA GLU B 190 22.84 -17.84 16.18
C GLU B 190 22.52 -16.37 16.10
N GLN B 191 23.27 -15.57 15.39
CA GLN B 191 22.84 -14.18 15.33
C GLN B 191 21.85 -13.94 14.19
N VAL B 192 21.58 -14.95 13.36
CA VAL B 192 20.88 -14.74 12.09
C VAL B 192 19.40 -15.06 12.29
N ALA B 193 18.56 -14.04 12.16
CA ALA B 193 17.12 -14.22 12.32
C ALA B 193 16.53 -15.01 11.15
N ALA B 194 16.96 -14.71 9.93
CA ALA B 194 16.32 -15.29 8.74
C ALA B 194 17.18 -15.01 7.52
N VAL B 195 16.91 -15.76 6.45
CA VAL B 195 17.49 -15.50 5.14
C VAL B 195 16.30 -15.21 4.22
N VAL B 196 16.29 -14.03 3.59
CA VAL B 196 15.21 -13.66 2.70
C VAL B 196 15.80 -13.53 1.29
N ILE B 197 15.22 -14.25 0.33
CA ILE B 197 15.72 -14.20 -1.05
C ILE B 197 14.55 -14.01 -1.98
N SER B 198 14.81 -13.29 -3.08
CA SER B 198 13.89 -13.19 -4.21
C SER B 198 14.38 -14.15 -5.27
N PRO B 199 13.76 -15.32 -5.41
CA PRO B 199 14.36 -16.38 -6.25
C PRO B 199 14.38 -15.96 -7.72
N ASP B 200 15.53 -16.17 -8.34
CA ASP B 200 15.67 -15.95 -9.76
C ASP B 200 15.87 -17.32 -10.41
N HIS B 201 15.30 -17.50 -11.60
CA HIS B 201 15.45 -18.78 -12.30
C HIS B 201 16.06 -18.60 -13.67
N MET B 202 16.47 -17.38 -14.04
CA MET B 202 17.19 -17.19 -15.29
C MET B 202 18.68 -17.47 -15.16
N HIS B 203 19.25 -17.17 -13.99
CA HIS B 203 20.69 -17.20 -13.79
C HIS B 203 21.09 -18.03 -12.59
N LEU B 204 20.14 -18.59 -11.84
CA LEU B 204 20.42 -19.51 -10.75
C LEU B 204 19.71 -20.81 -11.06
N GLY B 205 20.43 -21.92 -11.04
CA GLY B 205 19.90 -23.20 -11.43
C GLY B 205 19.62 -24.09 -10.24
N GLU B 206 19.25 -25.34 -10.55
CA GLU B 206 18.82 -26.28 -9.52
C GLU B 206 19.92 -26.51 -8.49
N ARG B 207 21.18 -26.55 -8.94
CA ARG B 207 22.31 -26.75 -8.03
C ARG B 207 22.48 -25.59 -7.07
N TRP B 208 22.19 -24.36 -7.52
CA TRP B 208 22.25 -23.22 -6.60
C TRP B 208 21.24 -23.42 -5.47
N TYR B 209 19.99 -23.77 -5.82
CA TYR B 209 18.94 -23.94 -4.82
C TYR B 209 19.21 -25.13 -3.92
N THR B 210 19.77 -26.21 -4.45
CA THR B 210 20.07 -27.35 -3.56
C THR B 210 21.11 -26.94 -2.51
N GLU B 211 22.12 -26.21 -2.90
CA GLU B 211 23.12 -25.80 -1.93
C GLU B 211 22.58 -24.72 -0.98
N PHE B 212 21.77 -23.79 -1.49
CA PHE B 212 21.18 -22.78 -0.62
C PHE B 212 20.35 -23.42 0.49
N THR B 213 19.50 -24.38 0.12
CA THR B 213 18.65 -25.03 1.10
C THR B 213 19.46 -25.90 2.04
N ARG B 214 20.50 -26.56 1.52
CA ARG B 214 21.39 -27.34 2.40
C ARG B 214 22.03 -26.42 3.45
N LEU B 215 22.58 -25.28 3.03
CA LEU B 215 23.24 -24.36 3.96
C LEU B 215 22.25 -23.83 5.02
N THR B 216 21.05 -23.40 4.58
CA THR B 216 20.11 -22.83 5.55
C THR B 216 19.50 -23.90 6.46
N LYS B 217 19.32 -25.11 5.95
CA LYS B 217 18.81 -26.20 6.77
C LYS B 217 19.85 -26.54 7.83
N GLU B 218 21.11 -26.60 7.43
CA GLU B 218 22.23 -26.88 8.34
C GLU B 218 22.32 -25.83 9.45
N ALA B 219 22.13 -24.57 9.10
CA ALA B 219 22.17 -23.51 10.10
C ALA B 219 20.89 -23.45 10.92
N ASP B 220 19.85 -24.16 10.47
CA ASP B 220 18.52 -24.11 11.08
C ASP B 220 18.01 -22.67 11.18
N VAL B 221 18.10 -21.97 10.05
CA VAL B 221 17.69 -20.56 9.96
C VAL B 221 16.50 -20.51 9.00
N PRO B 222 15.39 -19.88 9.39
CA PRO B 222 14.20 -19.89 8.52
C PRO B 222 14.43 -19.06 7.27
N VAL B 223 13.81 -19.52 6.18
CA VAL B 223 13.93 -18.86 4.87
C VAL B 223 12.62 -18.12 4.58
N ILE B 224 12.74 -16.86 4.19
CA ILE B 224 11.61 -16.07 3.69
C ILE B 224 11.74 -16.04 2.18
N ALA B 225 10.76 -16.61 1.45
CA ALA B 225 10.83 -16.68 -0.01
C ALA B 225 10.03 -15.49 -0.53
N ASP B 226 10.75 -14.46 -0.99
CA ASP B 226 10.10 -13.28 -1.58
C ASP B 226 9.75 -13.67 -3.01
N GLU B 227 8.54 -14.22 -3.15
CA GLU B 227 8.03 -14.67 -4.45
C GLU B 227 7.03 -13.66 -5.00
N VAL B 228 7.21 -12.39 -4.64
CA VAL B 228 6.36 -11.35 -5.22
C VAL B 228 6.38 -11.44 -6.74
N LYS B 229 7.54 -11.75 -7.32
CA LYS B 229 7.60 -11.81 -8.78
C LYS B 229 7.37 -13.21 -9.34
N VAL B 230 7.95 -14.26 -8.72
CA VAL B 230 7.94 -15.59 -9.32
C VAL B 230 6.87 -16.50 -8.70
N GLY B 231 6.18 -16.05 -7.65
CA GLY B 231 5.15 -16.89 -7.06
C GLY B 231 3.98 -16.94 -8.01
N LEU B 232 3.57 -18.16 -8.40
CA LEU B 232 2.52 -18.46 -9.38
C LEU B 232 2.93 -18.10 -10.82
N ARG B 233 4.15 -17.65 -11.04
CA ARG B 233 4.60 -17.22 -12.36
C ARG B 233 4.78 -18.40 -13.30
N TYR B 234 5.29 -19.52 -12.78
CA TYR B 234 5.67 -20.63 -13.64
C TYR B 234 4.72 -21.81 -13.56
N ARG B 235 3.86 -21.82 -12.55
CA ARG B 235 2.88 -22.89 -12.35
C ARG B 235 1.91 -22.45 -11.26
N ALA B 236 1.10 -23.39 -10.77
CA ALA B 236 0.12 -23.09 -9.72
C ALA B 236 0.73 -23.34 -8.34
N GLY B 237 1.71 -22.51 -8.00
CA GLY B 237 2.41 -22.63 -6.74
C GLY B 237 3.64 -21.74 -6.72
N LEU B 238 4.44 -21.91 -5.67
CA LEU B 238 5.69 -21.19 -5.59
C LEU B 238 6.66 -21.73 -6.65
N SER B 239 7.76 -21.01 -6.84
CA SER B 239 8.58 -21.20 -8.03
C SER B 239 9.41 -22.47 -8.00
N THR B 240 9.81 -22.96 -6.82
CA THR B 240 10.61 -24.23 -6.83
C THR B 240 10.41 -25.05 -5.57
N PRO B 241 10.17 -26.36 -5.69
CA PRO B 241 10.12 -27.21 -4.50
C PRO B 241 11.48 -27.45 -3.85
N LEU B 242 12.57 -26.96 -4.46
CA LEU B 242 13.90 -27.06 -3.87
C LEU B 242 14.11 -26.07 -2.75
N LEU B 243 13.20 -25.11 -2.59
CA LEU B 243 13.14 -24.21 -1.45
C LEU B 243 12.13 -24.71 -0.42
N ASP B 244 12.45 -24.47 0.85
CA ASP B 244 11.55 -24.82 1.94
C ASP B 244 11.28 -23.58 2.77
N PRO B 245 10.45 -22.66 2.28
CA PRO B 245 10.28 -21.38 2.99
C PRO B 245 9.41 -21.55 4.22
N ALA B 246 9.86 -20.86 5.26
CA ALA B 246 9.04 -20.75 6.45
C ALA B 246 7.95 -19.72 6.24
N VAL B 247 8.22 -18.73 5.40
CA VAL B 247 7.24 -17.69 5.08
C VAL B 247 7.39 -17.42 3.59
N TRP B 248 6.27 -17.21 2.91
CA TRP B 248 6.27 -16.77 1.51
C TRP B 248 5.51 -15.46 1.35
N ILE B 249 5.80 -14.79 0.24
CA ILE B 249 5.05 -13.60 -0.17
C ILE B 249 4.81 -13.75 -1.68
N VAL B 250 3.59 -13.51 -2.15
CA VAL B 250 3.32 -13.42 -3.59
C VAL B 250 2.58 -12.11 -3.82
N ALA B 251 2.56 -11.65 -5.08
CA ALA B 251 1.75 -10.44 -5.34
C ALA B 251 1.52 -10.20 -6.84
N LYS B 252 2.61 -10.15 -7.61
CA LYS B 252 2.43 -9.69 -8.99
C LYS B 252 1.52 -10.62 -9.78
N CYS B 253 1.58 -11.93 -9.50
CA CYS B 253 0.71 -12.86 -10.24
C CYS B 253 -0.69 -13.02 -9.63
N LEU B 254 -1.03 -12.25 -8.59
CA LEU B 254 -2.22 -12.54 -7.80
C LEU B 254 -3.49 -11.87 -8.31
N ALA B 255 -3.41 -10.69 -8.96
CA ALA B 255 -4.62 -9.90 -9.12
C ALA B 255 -4.66 -9.12 -10.42
N ASN B 256 -3.89 -9.54 -11.43
CA ASN B 256 -3.89 -8.89 -12.75
C ASN B 256 -3.64 -7.38 -12.64
N GLY B 257 -2.76 -7.02 -11.69
CA GLY B 257 -2.33 -5.65 -11.53
C GLY B 257 -3.02 -4.90 -10.41
N SER B 258 -4.18 -5.34 -9.95
CA SER B 258 -4.85 -4.66 -8.84
C SER B 258 -3.96 -4.77 -7.59
N PRO B 259 -4.08 -3.84 -6.67
CA PRO B 259 -3.04 -3.71 -5.61
C PRO B 259 -3.28 -4.65 -4.44
N VAL B 260 -2.84 -5.90 -4.59
CA VAL B 260 -2.98 -6.92 -3.55
C VAL B 260 -1.68 -7.72 -3.46
N ALA B 261 -1.21 -7.92 -2.24
CA ALA B 261 -0.09 -8.80 -1.98
C ALA B 261 -0.51 -9.72 -0.84
N ALA B 262 0.04 -10.94 -0.82
CA ALA B 262 -0.31 -11.92 0.21
C ALA B 262 0.94 -12.56 0.78
N VAL B 263 0.85 -12.93 2.06
CA VAL B 263 1.91 -13.62 2.76
C VAL B 263 1.29 -14.82 3.49
N GLY B 264 2.13 -15.80 3.81
CA GLY B 264 1.68 -16.95 4.58
C GLY B 264 2.87 -17.74 5.09
N GLY B 265 2.59 -18.67 6.01
CA GLY B 265 3.66 -19.54 6.49
C GLY B 265 3.45 -19.89 7.96
N ASP B 266 4.58 -20.15 8.64
CA ASP B 266 4.53 -20.62 10.03
C ASP B 266 3.90 -19.59 10.95
N ALA B 267 2.90 -20.03 11.74
CA ALA B 267 2.14 -19.08 12.54
C ALA B 267 3.02 -18.32 13.53
N HIS B 268 3.98 -18.99 14.15
CA HIS B 268 4.73 -18.30 15.20
C HIS B 268 5.64 -17.22 14.64
N LEU B 269 6.11 -17.35 13.39
CA LEU B 269 6.96 -16.31 12.82
C LEU B 269 6.16 -15.10 12.38
N LEU B 270 4.85 -15.24 12.25
CA LEU B 270 3.98 -14.17 11.80
C LEU B 270 3.07 -13.66 12.91
N ALA B 271 3.42 -13.95 14.18
CA ALA B 271 2.58 -13.52 15.29
C ALA B 271 2.36 -12.02 15.27
N ALA B 272 3.41 -11.25 14.97
CA ALA B 272 3.29 -9.79 15.02
C ALA B 272 2.28 -9.28 14.02
N LEU B 273 1.88 -10.09 13.04
CA LEU B 273 0.88 -9.60 12.09
C LEU B 273 -0.43 -9.28 12.77
N GLU B 274 -0.63 -9.70 14.02
CA GLU B 274 -1.87 -9.31 14.69
C GLU B 274 -1.99 -7.80 14.81
N ASP B 275 -0.88 -7.08 14.79
CA ASP B 275 -0.88 -5.62 14.88
C ASP B 275 -1.14 -4.94 13.54
N VAL B 276 -1.33 -5.69 12.46
CA VAL B 276 -1.48 -5.07 11.14
C VAL B 276 -2.98 -4.86 10.85
N SER B 277 -3.34 -3.62 10.55
CA SER B 277 -4.67 -3.29 10.09
C SER B 277 -4.51 -2.02 9.26
N PHE B 278 -5.27 -1.91 8.18
CA PHE B 278 -5.21 -0.70 7.37
C PHE B 278 -6.60 -0.44 6.81
N THR B 279 -6.85 0.85 6.55
CA THR B 279 -8.20 1.34 6.25
C THR B 279 -8.87 0.61 5.11
N SER B 280 -8.13 0.36 4.02
CA SER B 280 -8.74 -0.22 2.82
C SER B 280 -8.75 -1.76 2.86
N TYR B 281 -8.57 -2.35 4.04
CA TYR B 281 -8.45 -3.81 4.15
C TYR B 281 -9.57 -4.57 3.42
N PHE B 282 -10.81 -4.10 3.54
CA PHE B 282 -11.96 -4.80 2.99
C PHE B 282 -12.40 -4.23 1.66
N GLU B 283 -11.56 -3.42 1.02
CA GLU B 283 -11.99 -2.77 -0.21
C GLU B 283 -12.36 -3.84 -1.25
N PRO B 284 -13.53 -3.75 -1.87
CA PRO B 284 -14.07 -4.90 -2.63
C PRO B 284 -13.47 -5.11 -4.00
N THR B 285 -13.02 -4.06 -4.71
CA THR B 285 -12.54 -4.30 -6.07
C THR B 285 -11.22 -5.04 -6.04
N ALA B 286 -10.39 -4.74 -5.05
CA ALA B 286 -9.13 -5.47 -4.91
C ALA B 286 -9.40 -6.95 -4.69
N MET B 287 -10.36 -7.29 -3.80
CA MET B 287 -10.63 -8.72 -3.53
C MET B 287 -11.28 -9.42 -4.72
N ALA B 288 -12.11 -8.69 -5.46
CA ALA B 288 -12.71 -9.24 -6.68
C ALA B 288 -11.63 -9.58 -7.70
N ALA B 289 -10.68 -8.65 -7.90
CA ALA B 289 -9.60 -8.96 -8.83
C ALA B 289 -8.76 -10.13 -8.36
N ALA B 290 -8.44 -10.17 -7.05
CA ALA B 290 -7.57 -11.22 -6.58
C ALA B 290 -8.26 -12.59 -6.63
N THR B 291 -9.52 -12.68 -6.20
CA THR B 291 -10.18 -14.01 -6.23
C THR B 291 -10.33 -14.52 -7.65
N THR B 292 -10.77 -13.65 -8.56
CA THR B 292 -11.00 -14.03 -9.95
C THR B 292 -9.69 -14.45 -10.63
N THR B 293 -8.63 -13.67 -10.43
CA THR B 293 -7.34 -13.98 -11.04
C THR B 293 -6.75 -15.24 -10.44
N LEU B 294 -6.76 -15.33 -9.12
CA LEU B 294 -6.16 -16.49 -8.47
C LEU B 294 -6.86 -17.79 -8.89
N ARG B 295 -8.17 -17.71 -9.09
CA ARG B 295 -8.91 -18.88 -9.51
C ARG B 295 -8.32 -19.42 -10.81
N ARG B 296 -8.01 -18.50 -11.72
CA ARG B 296 -7.42 -18.91 -13.00
C ARG B 296 -5.95 -19.32 -12.88
N MET B 297 -5.16 -18.56 -12.13
CA MET B 297 -3.77 -18.94 -11.95
C MET B 297 -3.62 -20.27 -11.23
N ALA B 298 -4.59 -20.62 -10.37
CA ALA B 298 -4.53 -21.89 -9.65
C ALA B 298 -4.69 -23.12 -10.56
N THR B 299 -5.22 -22.95 -11.77
CA THR B 299 -5.34 -24.08 -12.68
C THR B 299 -4.04 -24.43 -13.36
N GLY B 300 -3.09 -23.50 -13.37
CA GLY B 300 -1.86 -23.68 -14.11
C GLY B 300 -1.97 -23.42 -15.59
N GLU B 301 -3.17 -23.14 -16.10
CA GLU B 301 -3.37 -23.04 -17.53
C GLU B 301 -2.83 -21.74 -18.10
N PRO B 302 -2.99 -20.59 -17.44
CA PRO B 302 -2.36 -19.39 -18.00
C PRO B 302 -0.86 -19.53 -18.10
N GLN B 303 -0.22 -20.09 -17.07
CA GLN B 303 1.24 -20.18 -17.08
C GLN B 303 1.71 -21.09 -18.21
N GLN B 304 0.95 -22.16 -18.49
CA GLN B 304 1.38 -23.05 -19.59
C GLN B 304 1.23 -22.36 -20.94
N ALA B 305 0.15 -21.61 -21.11
CA ALA B 305 -0.08 -20.91 -22.37
C ALA B 305 1.00 -19.86 -22.60
N ILE B 306 1.33 -19.11 -21.55
CA ILE B 306 2.34 -18.08 -21.65
C ILE B 306 3.70 -18.69 -21.94
N ARG B 307 4.01 -19.82 -21.28
CA ARG B 307 5.30 -20.47 -21.49
C ARG B 307 5.46 -20.81 -22.96
N ALA B 308 4.43 -21.42 -23.54
CA ALA B 308 4.52 -21.86 -24.93
C ALA B 308 4.71 -20.68 -25.87
N ALA B 309 3.85 -19.66 -25.73
CA ALA B 309 3.89 -18.51 -26.61
C ALA B 309 5.19 -17.73 -26.44
N GLY B 310 5.59 -17.47 -25.20
CA GLY B 310 6.84 -16.79 -24.99
C GLY B 310 8.04 -17.56 -25.50
N ASP B 311 8.02 -18.89 -25.35
CA ASP B 311 9.13 -19.69 -25.86
C ASP B 311 9.27 -19.57 -27.38
N ARG B 312 8.14 -19.50 -28.10
CA ARG B 312 8.19 -19.32 -29.56
C ARG B 312 8.84 -17.98 -29.92
N PHE B 313 8.47 -16.94 -29.17
CA PHE B 313 9.06 -15.63 -29.39
C PHE B 313 10.56 -15.64 -29.09
N ILE B 314 10.95 -16.28 -27.98
CA ILE B 314 12.36 -16.32 -27.62
C ILE B 314 13.16 -17.02 -28.72
N ALA B 315 12.66 -18.18 -29.17
CA ALA B 315 13.37 -18.94 -30.20
C ALA B 315 13.52 -18.13 -31.46
N HIS B 316 12.44 -17.49 -31.92
CA HIS B 316 12.50 -16.66 -33.11
C HIS B 316 13.53 -15.54 -32.94
N THR B 317 13.49 -14.86 -31.79
CA THR B 317 14.33 -13.68 -31.60
C THR B 317 15.81 -14.05 -31.47
N ARG B 318 16.11 -15.14 -30.73
CA ARG B 318 17.50 -15.56 -30.58
C ARG B 318 18.12 -15.78 -31.96
N ALA B 319 17.42 -16.52 -32.81
CA ALA B 319 17.88 -16.82 -34.17
C ALA B 319 17.95 -15.57 -35.03
N ALA B 320 16.92 -14.70 -34.97
CA ALA B 320 16.95 -13.47 -35.77
C ALA B 320 18.23 -12.69 -35.52
N PHE B 321 18.57 -12.49 -34.24
CA PHE B 321 19.78 -11.76 -33.90
C PHE B 321 21.04 -12.53 -34.29
N ALA B 322 21.10 -13.83 -33.93
CA ALA B 322 22.32 -14.58 -34.18
C ALA B 322 22.61 -14.66 -35.67
N ASN B 323 21.56 -14.85 -36.48
CA ASN B 323 21.74 -14.96 -37.93
C ASN B 323 22.10 -13.63 -38.59
N ALA B 324 21.91 -12.51 -37.90
CA ALA B 324 22.27 -11.21 -38.44
C ALA B 324 23.54 -10.66 -37.82
N GLY B 325 24.23 -11.44 -36.98
CA GLY B 325 25.45 -10.97 -36.33
C GLY B 325 25.21 -9.96 -35.22
N VAL B 326 23.98 -9.84 -34.75
CA VAL B 326 23.61 -8.89 -33.71
C VAL B 326 23.93 -9.52 -32.36
N PRO B 327 24.82 -8.89 -31.55
CA PRO B 327 25.30 -9.53 -30.29
C PRO B 327 24.34 -9.34 -29.13
N ILE B 328 23.17 -9.96 -29.25
CA ILE B 328 22.14 -9.97 -28.22
C ILE B 328 21.63 -11.39 -28.10
N ASP B 329 21.60 -11.90 -26.88
CA ASP B 329 21.04 -13.22 -26.60
C ASP B 329 19.91 -13.02 -25.58
N LEU B 330 19.30 -14.12 -25.21
CA LEU B 330 18.20 -14.10 -24.26
C LEU B 330 18.45 -15.16 -23.19
N ALA B 331 17.97 -14.87 -21.98
CA ALA B 331 18.00 -15.82 -20.90
C ALA B 331 16.59 -15.96 -20.36
N GLY B 332 16.34 -17.05 -19.64
CA GLY B 332 15.01 -17.27 -19.10
C GLY B 332 14.15 -18.12 -20.02
N ASN B 333 12.83 -17.97 -19.88
CA ASN B 333 11.88 -18.76 -20.67
C ASN B 333 10.63 -17.92 -20.95
N GLY B 334 9.62 -18.58 -21.53
CA GLY B 334 8.44 -17.86 -21.99
C GLY B 334 7.70 -17.11 -20.90
N ASN B 335 7.72 -17.62 -19.66
CA ASN B 335 7.05 -16.92 -18.56
C ASN B 335 7.79 -15.66 -18.13
N LEU B 336 9.11 -15.68 -18.22
CA LEU B 336 9.95 -14.59 -17.68
C LEU B 336 11.33 -14.72 -18.32
N PHE B 337 11.73 -13.73 -19.10
CA PHE B 337 13.00 -13.80 -19.81
C PHE B 337 13.64 -12.42 -19.85
N GLN B 338 14.88 -12.34 -20.35
CA GLN B 338 15.50 -11.04 -20.47
C GLN B 338 16.43 -11.08 -21.68
N PHE B 339 16.76 -9.88 -22.17
CA PHE B 339 17.76 -9.72 -23.20
C PHE B 339 19.12 -9.56 -22.55
N VAL B 340 20.13 -10.19 -23.15
CA VAL B 340 21.52 -10.07 -22.69
C VAL B 340 22.27 -9.44 -23.85
N CYS B 341 22.66 -8.17 -23.71
CA CYS B 341 23.32 -7.43 -24.77
C CYS B 341 24.82 -7.37 -24.51
N ALA B 342 25.59 -7.21 -25.58
CA ALA B 342 27.05 -7.19 -25.42
C ALA B 342 27.52 -6.09 -24.47
N ASP B 343 26.93 -4.89 -24.55
CA ASP B 343 27.36 -3.77 -23.74
C ASP B 343 26.23 -2.75 -23.71
N ASP B 344 26.46 -1.62 -23.04
CA ASP B 344 25.37 -0.66 -22.86
C ASP B 344 25.02 0.07 -24.16
N GLU B 345 25.98 0.23 -25.05
CA GLU B 345 25.66 0.89 -26.32
C GLU B 345 24.76 0.01 -27.16
N VAL B 346 25.03 -1.30 -27.20
CA VAL B 346 24.13 -2.23 -27.88
C VAL B 346 22.76 -2.19 -27.23
N ALA B 347 22.72 -2.20 -25.89
CA ALA B 347 21.43 -2.20 -25.21
C ALA B 347 20.62 -0.95 -25.53
N ASP B 348 21.24 0.23 -25.49
CA ASP B 348 20.53 1.47 -25.80
C ASP B 348 20.00 1.45 -27.23
N ALA B 349 20.83 0.99 -28.18
CA ALA B 349 20.41 0.91 -29.58
C ALA B 349 19.26 -0.08 -29.77
N PHE B 350 19.32 -1.22 -29.09
CA PHE B 350 18.25 -2.19 -29.12
C PHE B 350 16.96 -1.61 -28.58
N HIS B 351 17.02 -0.93 -27.43
CA HIS B 351 15.81 -0.37 -26.88
C HIS B 351 15.18 0.70 -27.79
N ALA B 352 16.02 1.54 -28.40
CA ALA B 352 15.50 2.56 -29.31
C ALA B 352 14.86 1.91 -30.53
N ALA B 353 15.49 0.85 -31.09
CA ALA B 353 14.92 0.18 -32.25
C ALA B 353 13.63 -0.53 -31.88
N ALA B 354 13.59 -1.18 -30.71
CA ALA B 354 12.35 -1.84 -30.29
C ALA B 354 11.20 -0.84 -30.16
N ALA B 355 11.45 0.29 -29.50
CA ALA B 355 10.42 1.32 -29.36
C ALA B 355 9.94 1.78 -30.73
N ALA B 356 10.87 1.92 -31.67
CA ALA B 356 10.50 2.39 -33.01
C ALA B 356 9.55 1.42 -33.70
N GLU B 357 9.60 0.13 -33.33
CA GLU B 357 8.68 -0.87 -33.88
C GLU B 357 7.46 -1.09 -33.01
N GLY B 358 7.33 -0.33 -31.92
CA GLY B 358 6.19 -0.49 -31.03
C GLY B 358 6.25 -1.72 -30.14
N LEU B 359 7.47 -2.22 -29.85
CA LEU B 359 7.68 -3.26 -28.86
C LEU B 359 7.96 -2.58 -27.53
N LEU B 360 7.17 -2.87 -26.52
CA LEU B 360 7.34 -2.26 -25.20
C LEU B 360 7.98 -3.31 -24.28
N PHE B 361 9.28 -3.20 -24.10
CA PHE B 361 10.02 -4.05 -23.18
C PHE B 361 10.26 -3.29 -21.88
N PHE B 362 10.40 -4.04 -20.80
CA PHE B 362 10.89 -3.48 -19.54
C PHE B 362 12.40 -3.35 -19.67
N GLU B 363 12.90 -2.14 -19.87
CA GLU B 363 14.27 -1.97 -20.37
C GLU B 363 15.29 -2.42 -19.32
N GLY B 364 16.19 -3.32 -19.73
CA GLY B 364 17.25 -3.81 -18.87
C GLY B 364 16.80 -4.76 -17.79
N ASP B 365 15.51 -5.09 -17.79
CA ASP B 365 14.95 -5.96 -16.77
C ASP B 365 14.35 -7.21 -17.42
N ASN B 366 13.35 -7.81 -16.77
CA ASN B 366 12.72 -9.01 -17.31
C ASN B 366 11.45 -8.73 -18.07
N GLN B 367 11.24 -9.54 -19.11
CA GLN B 367 10.06 -9.44 -19.95
C GLN B 367 9.10 -10.51 -19.45
N THR B 368 7.85 -10.14 -19.25
CA THR B 368 6.87 -11.08 -18.74
C THR B 368 5.57 -11.03 -19.52
N PRO B 369 5.42 -11.89 -20.53
CA PRO B 369 4.18 -11.92 -21.30
C PRO B 369 2.99 -12.32 -20.43
N SER B 370 1.80 -11.90 -20.87
CA SER B 370 0.55 -12.27 -20.25
C SER B 370 -0.13 -13.35 -21.07
N ALA B 371 -1.26 -13.85 -20.55
CA ALA B 371 -1.99 -14.87 -21.26
C ALA B 371 -2.64 -14.35 -22.53
N ALA B 372 -2.72 -13.04 -22.71
CA ALA B 372 -3.18 -12.50 -23.98
C ALA B 372 -2.10 -12.52 -25.06
N PHE B 373 -0.88 -12.95 -24.74
CA PHE B 373 0.18 -13.11 -25.75
C PHE B 373 -0.07 -14.43 -26.48
N THR B 374 -1.05 -14.42 -27.39
CA THR B 374 -1.52 -15.54 -28.18
C THR B 374 -0.77 -15.67 -29.51
N ASP B 375 -0.98 -16.78 -30.20
CA ASP B 375 -0.30 -17.06 -31.47
C ASP B 375 -0.18 -15.84 -32.39
N GLU B 376 -1.31 -15.14 -32.57
CA GLU B 376 -1.40 -13.97 -33.44
C GLU B 376 -0.48 -12.85 -32.98
N VAL B 377 -0.47 -12.58 -31.67
CA VAL B 377 0.42 -11.55 -31.13
C VAL B 377 1.87 -12.01 -31.23
N VAL B 378 2.13 -13.31 -31.04
CA VAL B 378 3.48 -13.82 -31.23
C VAL B 378 3.96 -13.51 -32.65
N GLU B 379 3.11 -13.78 -33.64
CA GLU B 379 3.49 -13.53 -35.04
C GLU B 379 3.79 -12.06 -35.27
N ASP B 380 2.94 -11.19 -34.74
CA ASP B 380 3.16 -9.75 -34.86
C ASP B 380 4.48 -9.37 -34.21
N ALA B 381 4.70 -9.82 -32.97
CA ALA B 381 5.94 -9.45 -32.28
C ALA B 381 7.16 -9.95 -33.03
N CYS B 382 7.07 -11.16 -33.62
CA CYS B 382 8.23 -11.70 -34.35
C CYS B 382 8.56 -10.84 -35.56
N GLY B 383 7.56 -10.36 -36.28
CA GLY B 383 7.81 -9.43 -37.38
C GLY B 383 8.42 -8.13 -36.91
N ARG B 384 7.95 -7.62 -35.76
CA ARG B 384 8.57 -6.41 -35.23
C ARG B 384 10.03 -6.65 -34.89
N ILE B 385 10.34 -7.82 -34.32
CA ILE B 385 11.72 -8.19 -33.98
C ILE B 385 12.57 -8.32 -35.25
N ASP B 386 11.98 -8.82 -36.34
CA ASP B 386 12.70 -8.82 -37.60
C ASP B 386 13.17 -7.42 -38.00
N ARG B 387 12.32 -6.41 -37.78
CA ARG B 387 12.69 -5.04 -38.12
C ARG B 387 13.71 -4.48 -37.12
N VAL B 388 13.60 -4.85 -35.84
CA VAL B 388 14.62 -4.46 -34.87
C VAL B 388 15.96 -5.04 -35.28
N SER B 389 15.99 -6.34 -35.58
CA SER B 389 17.23 -6.98 -36.01
C SER B 389 17.79 -6.32 -37.27
N ALA B 390 16.92 -5.99 -38.23
CA ALA B 390 17.36 -5.27 -39.44
C ALA B 390 17.96 -3.91 -39.11
N ALA B 391 17.33 -3.17 -38.19
CA ALA B 391 17.86 -1.87 -37.80
C ALA B 391 19.23 -2.00 -37.11
N LEU B 392 19.48 -3.12 -36.42
CA LEU B 392 20.77 -3.26 -35.72
C LEU B 392 21.85 -3.93 -36.56
N THR B 393 21.47 -4.61 -37.66
CA THR B 393 22.44 -5.37 -38.44
C THR B 393 23.53 -4.46 -38.96
N GLY B 394 24.78 -4.92 -38.89
CA GLY B 394 25.93 -4.20 -39.37
C GLY B 394 26.51 -3.16 -38.43
N ARG B 395 25.87 -2.92 -37.27
CA ARG B 395 26.38 -1.87 -36.40
C ARG B 395 27.31 -2.41 -35.33
N PHE B 396 27.11 -3.65 -34.91
CA PHE B 396 27.82 -4.19 -33.75
C PHE B 396 28.32 -5.61 -34.01
N THR B 397 28.58 -5.96 -35.28
CA THR B 397 28.92 -7.35 -35.64
C THR B 397 30.21 -7.82 -34.98
N ASP B 398 31.13 -6.91 -34.76
CA ASP B 398 32.45 -7.20 -34.22
C ASP B 398 32.44 -7.44 -32.72
N ARG B 399 31.35 -7.11 -32.02
CA ARG B 399 31.25 -7.30 -30.58
C ARG B 399 30.67 -8.66 -30.22
N GLU B 400 31.06 -9.14 -29.04
CA GLU B 400 30.64 -10.44 -28.57
C GLU B 400 30.15 -10.31 -27.14
N LEU B 401 29.23 -11.19 -26.78
CA LEU B 401 28.87 -11.35 -25.38
C LEU B 401 30.04 -11.98 -24.64
N THR B 402 30.46 -11.31 -23.59
CA THR B 402 31.50 -11.79 -22.70
C THR B 402 30.89 -12.19 -21.37
N GLU B 403 31.74 -12.76 -20.50
CA GLU B 403 31.31 -13.00 -19.14
C GLU B 403 30.82 -11.70 -18.50
N GLU B 404 31.50 -10.60 -18.80
CA GLU B 404 31.08 -9.32 -18.28
C GLU B 404 29.68 -8.96 -18.77
N SER B 405 29.39 -9.24 -20.04
CA SER B 405 28.04 -9.01 -20.55
C SER B 405 27.01 -9.74 -19.70
N TRP B 406 27.27 -11.03 -19.45
CA TRP B 406 26.31 -11.85 -18.71
C TRP B 406 26.16 -11.38 -17.27
N TYR B 407 27.26 -11.05 -16.58
CA TYR B 407 27.12 -10.57 -15.21
C TYR B 407 26.36 -9.25 -15.15
N ALA B 408 26.68 -8.34 -16.07
CA ALA B 408 26.04 -7.02 -16.06
C ALA B 408 24.55 -7.13 -16.34
N SER B 409 24.17 -7.96 -17.31
CA SER B 409 22.76 -8.15 -17.64
C SER B 409 22.01 -8.81 -16.50
N ALA B 410 22.57 -9.88 -15.94
CA ALA B 410 21.92 -10.54 -14.82
C ALA B 410 21.77 -9.61 -13.64
N TRP B 411 22.81 -8.85 -13.31
CA TRP B 411 22.73 -7.89 -12.22
C TRP B 411 21.54 -6.94 -12.41
N GLY B 412 21.36 -6.42 -13.62
CA GLY B 412 20.26 -5.49 -13.84
C GLY B 412 18.88 -6.11 -13.70
N ALA B 413 18.74 -7.41 -13.98
CA ALA B 413 17.43 -8.02 -14.02
C ALA B 413 17.09 -8.83 -12.77
N MET B 414 18.08 -9.38 -12.08
CA MET B 414 17.74 -10.13 -10.88
C MET B 414 18.52 -9.68 -9.66
N ASP B 415 19.28 -8.59 -9.76
CA ASP B 415 19.73 -7.80 -8.61
C ASP B 415 20.81 -8.48 -7.77
N GLY B 416 21.59 -9.36 -8.38
CA GLY B 416 22.74 -9.93 -7.71
C GLY B 416 23.62 -10.64 -8.71
N LEU B 417 24.41 -11.59 -8.23
CA LEU B 417 25.40 -12.28 -9.06
C LEU B 417 24.83 -13.55 -9.68
N ALA B 418 24.98 -13.69 -11.01
CA ALA B 418 24.61 -14.94 -11.67
C ALA B 418 25.43 -16.09 -11.09
N ASP B 419 24.86 -17.29 -11.16
CA ASP B 419 25.55 -18.48 -10.69
C ASP B 419 26.46 -19.00 -11.80
N ARG B 420 27.60 -18.36 -11.91
CA ARG B 420 28.70 -18.76 -12.80
C ARG B 420 29.94 -19.04 -11.96
N PRO B 421 30.76 -20.02 -12.36
CA PRO B 421 31.91 -20.40 -11.51
C PRO B 421 32.85 -19.22 -11.29
N ARG B 422 33.21 -18.96 -10.04
CA ARG B 422 34.15 -17.89 -9.74
C ARG B 422 34.76 -18.10 -8.35
N THR B 423 35.94 -17.53 -8.14
CA THR B 423 36.61 -17.55 -6.84
C THR B 423 36.11 -16.42 -5.96
N ARG B 424 36.46 -16.49 -4.67
CA ARG B 424 36.07 -15.44 -3.73
C ARG B 424 36.68 -14.10 -4.09
N GLU B 425 37.89 -14.10 -4.64
CA GLU B 425 38.54 -12.85 -5.06
C GLU B 425 37.90 -12.31 -6.33
N GLU B 426 37.40 -13.19 -7.20
CA GLU B 426 36.69 -12.76 -8.38
C GLU B 426 35.31 -12.18 -8.02
N THR B 427 34.65 -12.75 -7.00
CA THR B 427 33.42 -12.12 -6.50
C THR B 427 33.69 -10.68 -6.16
N THR B 428 34.80 -10.44 -5.45
CA THR B 428 35.14 -9.07 -5.08
C THR B 428 35.30 -8.17 -6.31
N ALA B 429 35.92 -8.68 -7.39
CA ALA B 429 36.16 -7.83 -8.56
C ALA B 429 34.86 -7.54 -9.33
N ILE B 430 34.00 -8.55 -9.48
CA ILE B 430 32.74 -8.32 -10.18
C ILE B 430 31.90 -7.30 -9.42
N VAL B 431 31.79 -7.49 -8.10
CA VAL B 431 30.98 -6.58 -7.30
C VAL B 431 31.54 -5.16 -7.38
N GLU B 432 32.87 -5.02 -7.36
CA GLU B 432 33.43 -3.67 -7.43
C GLU B 432 33.10 -3.02 -8.76
N ARG B 433 33.01 -3.82 -9.82
CA ARG B 433 32.66 -3.30 -11.14
C ARG B 433 31.21 -2.84 -11.20
N LEU B 434 30.29 -3.58 -10.58
CA LEU B 434 28.87 -3.43 -10.81
C LEU B 434 28.12 -2.69 -9.71
N TRP B 435 28.75 -2.49 -8.54
CA TRP B 435 28.05 -1.82 -7.44
C TRP B 435 27.93 -0.32 -7.74
N GLU B 436 26.74 0.24 -7.59
CA GLU B 436 26.52 1.66 -7.91
C GLU B 436 27.05 2.63 -6.84
#